data_3R4D
#
_entry.id   3R4D
#
_cell.length_a   76.380
_cell.length_b   76.380
_cell.length_c   942.090
_cell.angle_alpha   90.00
_cell.angle_beta   90.00
_cell.angle_gamma   120.00
#
_symmetry.space_group_name_H-M   'P 61 2 2'
#
loop_
_entity.id
_entity.type
_entity.pdbx_description
1 polymer 'CEA-related cell adhesion molecule 1, isoform 1/2S'
2 polymer 'Spike glycoprotein'
3 branched 2-acetamido-2-deoxy-beta-D-glucopyranose-(1-4)-2-acetamido-2-deoxy-beta-D-glucopyranose
4 non-polymer 2-acetamido-2-deoxy-beta-D-glucopyranose
5 water water
#
loop_
_entity_poly.entity_id
_entity_poly.type
_entity_poly.pdbx_seq_one_letter_code
_entity_poly.pdbx_strand_id
1 'polypeptide(L)'
;EVTIEAVPPQVAEDNNVLLLVHNLPLALGAFAWYKGNTTAIDKEIARFVPNSNMNFTGQAYSGREIIYSNGSLLFQMITM
KDMGVYTLDMTDENYRRTQATVRFHVHQPVTQPFLQVTNTTVKELDSVTLTCLSNDIGANIQWLFNSQSLQLTERMTLSQ
NNSILRIDPIKREDAGEYQCEISNPVSVRRSNSIKLDIIFDPHHHHHH
;
A,C
2 'polypeptide(L)'
;YIGDFRCIQLVNSNGANVSAPSISTETVEVSQGLGTYYVLDRVYLNATLLLTGYYPVDGSKFRNLALTGTNSVSLSWFQP
PYLSQFNDGIFAKVQNLKTSTPSGATAYFPTIVIGSLFGYTSYTVVIEPYNGVIMASVCQYTICQLPYTDCKPNTNGNKL
IGFWHTDVKPPICVLKRNFTLNVNADAFYFHFYQHGGTFYAYYADKPSATTFLFSVYIGDILTQYYVLPFICNPTAGSTF
APRYWVTPLVKRQYLFNFNQKGVITSAVDCASSYTSEIKCKTHHHHHH
;
B,D
#
loop_
_chem_comp.id
_chem_comp.type
_chem_comp.name
_chem_comp.formula
NAG D-saccharide, beta linking 2-acetamido-2-deoxy-beta-D-glucopyranose 'C8 H15 N O6'
#
# COMPACT_ATOMS: atom_id res chain seq x y z
N GLU A 1 48.29 15.66 3.89
CA GLU A 1 48.68 14.68 2.84
C GLU A 1 47.47 14.25 1.98
N VAL A 2 47.68 13.26 1.12
CA VAL A 2 46.62 12.76 0.26
C VAL A 2 45.47 12.08 1.03
N THR A 3 44.32 12.74 1.03
CA THR A 3 43.06 12.16 1.51
C THR A 3 42.19 11.87 0.30
N ILE A 4 41.09 11.14 0.50
CA ILE A 4 40.14 10.90 -0.59
C ILE A 4 38.71 10.90 -0.09
N GLU A 5 37.84 11.59 -0.81
CA GLU A 5 36.49 11.88 -0.34
C GLU A 5 35.42 11.45 -1.35
N ALA A 6 34.54 10.54 -0.94
CA ALA A 6 33.42 10.11 -1.78
C ALA A 6 32.34 11.19 -1.88
N VAL A 7 32.04 11.61 -3.09
CA VAL A 7 31.01 12.61 -3.36
C VAL A 7 29.94 12.01 -4.27
N PRO A 8 28.86 11.48 -3.68
CA PRO A 8 28.50 11.40 -2.26
C PRO A 8 28.96 10.11 -1.57
N PRO A 9 28.97 10.08 -0.21
CA PRO A 9 29.30 8.88 0.57
C PRO A 9 28.21 7.82 0.49
N GLN A 10 27.00 8.28 0.21
CA GLN A 10 25.84 7.45 0.06
C GLN A 10 25.25 7.82 -1.27
N VAL A 11 25.25 6.85 -2.19
CA VAL A 11 24.79 7.09 -3.54
C VAL A 11 23.54 6.24 -3.81
N ALA A 12 22.51 6.84 -4.41
CA ALA A 12 21.32 6.13 -4.84
C ALA A 12 21.61 5.34 -6.13
N GLU A 13 20.98 4.18 -6.29
CA GLU A 13 21.15 3.36 -7.50
C GLU A 13 21.01 4.21 -8.75
N ASP A 14 21.83 3.93 -9.75
CA ASP A 14 21.83 4.60 -11.06
C ASP A 14 22.16 6.10 -11.02
N ASN A 15 22.81 6.53 -9.94
CA ASN A 15 23.40 7.87 -9.84
C ASN A 15 24.92 7.74 -9.89
N ASN A 16 25.62 8.87 -10.07
CA ASN A 16 27.09 8.86 -10.17
C ASN A 16 27.78 9.06 -8.82
N VAL A 17 29.00 8.58 -8.68
CA VAL A 17 29.83 8.91 -7.52
C VAL A 17 31.24 9.30 -7.94
N LEU A 18 31.73 10.38 -7.35
CA LEU A 18 33.07 10.88 -7.63
C LEU A 18 34.00 10.64 -6.47
N LEU A 19 35.01 9.83 -6.73
CA LEU A 19 36.07 9.66 -5.77
C LEU A 19 37.01 10.84 -5.94
N LEU A 20 36.81 11.86 -5.11
CA LEU A 20 37.52 13.12 -5.22
C LEU A 20 38.82 13.06 -4.42
N VAL A 21 39.95 13.29 -5.09
CA VAL A 21 41.25 13.19 -4.46
C VAL A 21 41.78 14.56 -4.11
N HIS A 22 42.01 14.77 -2.81
CA HIS A 22 42.92 15.80 -2.32
C HIS A 22 44.08 15.03 -1.69
N ASN A 23 45.32 15.38 -2.00
CA ASN A 23 45.68 16.28 -3.05
C ASN A 23 46.94 15.65 -3.58
N LEU A 24 46.89 15.25 -4.84
CA LEU A 24 47.90 14.38 -5.43
C LEU A 24 49.30 14.95 -5.32
N PRO A 25 50.31 14.07 -5.27
CA PRO A 25 51.66 14.53 -5.54
C PRO A 25 51.74 15.07 -6.97
N LEU A 26 52.55 16.11 -7.12
CA LEU A 26 52.66 16.88 -8.37
C LEU A 26 53.49 16.19 -9.48
N ALA A 27 54.47 15.37 -9.09
CA ALA A 27 55.30 14.63 -10.07
C ALA A 27 55.27 13.11 -9.88
N LEU A 28 54.28 12.46 -10.47
CA LEU A 28 54.08 11.04 -10.26
C LEU A 28 54.43 10.25 -11.51
N GLY A 29 54.90 9.03 -11.32
CA GLY A 29 55.26 8.15 -12.44
C GLY A 29 53.96 7.69 -13.06
N ALA A 30 53.10 7.16 -12.21
CA ALA A 30 51.78 6.70 -12.59
C ALA A 30 50.97 6.62 -11.32
N PHE A 31 49.64 6.54 -11.45
CA PHE A 31 48.75 6.24 -10.32
C PHE A 31 47.54 5.45 -10.80
N ALA A 32 47.05 4.50 -9.98
CA ALA A 32 45.96 3.62 -10.42
C ALA A 32 44.86 3.47 -9.39
N TRP A 33 43.70 2.99 -9.83
CA TRP A 33 42.56 2.76 -8.95
C TRP A 33 42.20 1.27 -8.95
N TYR A 34 41.91 0.72 -7.77
CA TYR A 34 41.60 -0.71 -7.65
C TYR A 34 40.28 -1.00 -6.97
N LYS A 35 39.67 -2.11 -7.35
CA LYS A 35 38.46 -2.58 -6.66
C LYS A 35 38.74 -3.24 -5.30
N GLY A 36 38.33 -2.57 -4.23
CA GLY A 36 38.49 -3.10 -2.91
C GLY A 36 39.76 -2.67 -2.22
N ASN A 37 40.07 -3.35 -1.11
CA ASN A 37 41.31 -3.11 -0.37
C ASN A 37 42.46 -3.93 -0.92
N THR A 38 43.09 -3.43 -1.97
CA THR A 38 44.09 -4.22 -2.63
C THR A 38 44.77 -3.38 -3.70
N THR A 39 45.97 -3.80 -4.10
CA THR A 39 46.57 -3.29 -5.33
C THR A 39 46.88 -4.43 -6.32
N ALA A 40 46.20 -5.56 -6.14
CA ALA A 40 46.31 -6.70 -7.02
C ALA A 40 45.94 -6.31 -8.44
N ILE A 41 46.85 -6.55 -9.39
CA ILE A 41 46.66 -6.09 -10.77
C ILE A 41 45.35 -6.58 -11.43
N ASP A 42 44.69 -7.58 -10.84
CA ASP A 42 43.44 -8.13 -11.41
C ASP A 42 42.23 -7.40 -10.90
N LYS A 43 42.48 -6.46 -10.00
CA LYS A 43 41.42 -5.67 -9.42
C LYS A 43 41.59 -4.26 -9.88
N GLU A 44 42.52 -4.05 -10.79
CA GLU A 44 42.78 -2.69 -11.27
C GLU A 44 41.66 -2.20 -12.14
N ILE A 45 41.15 -1.02 -11.84
CA ILE A 45 40.03 -0.52 -12.58
C ILE A 45 40.55 0.18 -13.81
N ALA A 46 41.12 1.37 -13.60
CA ALA A 46 41.82 2.10 -14.65
C ALA A 46 43.15 2.59 -14.06
N ARG A 47 43.93 3.31 -14.88
CA ARG A 47 45.30 3.74 -14.52
C ARG A 47 45.67 4.95 -15.37
N PHE A 48 46.55 5.78 -14.84
CA PHE A 48 46.97 7.00 -15.54
C PHE A 48 48.48 7.18 -15.53
N VAL A 49 49.05 7.51 -16.69
CA VAL A 49 50.49 7.73 -16.85
C VAL A 49 50.78 9.23 -17.12
N PRO A 50 50.97 10.01 -16.03
CA PRO A 50 51.03 11.48 -16.00
C PRO A 50 51.91 12.12 -17.07
N ASN A 51 53.09 11.55 -17.31
CA ASN A 51 54.03 12.15 -18.25
C ASN A 51 53.62 11.94 -19.70
N SER A 52 52.80 10.90 -19.91
CA SER A 52 52.33 10.53 -21.24
C SER A 52 50.89 10.99 -21.50
N ASN A 53 50.30 11.75 -20.58
CA ASN A 53 48.88 12.11 -20.61
C ASN A 53 48.00 11.03 -21.27
N MET A 54 48.12 9.79 -20.79
CA MET A 54 47.40 8.66 -21.35
C MET A 54 46.81 7.79 -20.26
N ASN A 55 45.56 7.38 -20.45
CA ASN A 55 44.92 6.43 -19.55
C ASN A 55 44.81 5.02 -20.10
N PHE A 56 44.68 4.08 -19.16
CA PHE A 56 44.63 2.66 -19.46
C PHE A 56 43.67 1.96 -18.52
N THR A 57 43.12 0.85 -18.99
CA THR A 57 42.15 0.07 -18.23
C THR A 57 42.76 -1.20 -17.63
N GLY A 58 42.03 -1.81 -16.71
CA GLY A 58 42.46 -3.00 -16.00
C GLY A 58 41.33 -4.01 -15.96
N GLN A 59 41.61 -5.20 -15.44
CA GLN A 59 40.61 -6.27 -15.41
C GLN A 59 39.26 -5.86 -14.79
N ALA A 60 39.27 -5.04 -13.74
CA ALA A 60 38.05 -4.62 -13.08
C ALA A 60 37.28 -3.48 -13.77
N TYR A 61 37.76 -2.99 -14.91
CA TYR A 61 37.10 -1.89 -15.59
C TYR A 61 35.75 -2.37 -16.11
N SER A 62 34.69 -1.64 -15.73
CA SER A 62 33.33 -2.03 -16.05
C SER A 62 32.77 -1.28 -17.28
N GLY A 63 33.53 -0.30 -17.80
CA GLY A 63 33.06 0.52 -18.93
C GLY A 63 32.38 1.83 -18.53
N ARG A 64 32.06 1.97 -17.27
CA ARG A 64 31.38 3.17 -16.79
C ARG A 64 32.21 3.78 -15.67
N GLU A 65 33.47 4.08 -15.97
CA GLU A 65 34.38 4.68 -15.01
C GLU A 65 35.37 5.53 -15.78
N ILE A 66 35.66 6.70 -15.24
CA ILE A 66 36.53 7.63 -15.88
C ILE A 66 37.60 7.97 -14.86
N ILE A 67 38.86 7.96 -15.29
CA ILE A 67 39.95 8.42 -14.44
C ILE A 67 40.43 9.79 -14.93
N TYR A 68 40.71 10.67 -13.98
CA TYR A 68 41.14 12.01 -14.34
C TYR A 68 42.62 12.19 -14.02
N SER A 69 43.26 13.07 -14.78
CA SER A 69 44.66 13.44 -14.55
C SER A 69 44.87 13.94 -13.13
N ASN A 70 43.80 14.40 -12.50
CA ASN A 70 43.87 14.95 -11.16
C ASN A 70 43.66 13.93 -10.04
N GLY A 71 43.72 12.66 -10.37
CA GLY A 71 43.56 11.58 -9.39
C GLY A 71 42.16 10.99 -9.22
N SER A 72 41.13 11.73 -9.60
CA SER A 72 39.76 11.35 -9.27
C SER A 72 39.19 10.35 -10.24
N LEU A 73 38.19 9.60 -9.78
CA LEU A 73 37.53 8.57 -10.56
C LEU A 73 36.03 8.76 -10.56
N LEU A 74 35.40 8.68 -11.73
CA LEU A 74 33.98 8.90 -11.84
C LEU A 74 33.23 7.62 -12.17
N PHE A 75 32.40 7.14 -11.25
CA PHE A 75 31.47 6.05 -11.54
C PHE A 75 30.25 6.64 -12.20
N GLN A 76 29.64 5.91 -13.12
CA GLN A 76 28.51 6.51 -13.81
C GLN A 76 27.11 5.99 -13.48
N MET A 77 26.92 4.69 -13.48
CA MET A 77 25.64 4.19 -13.01
C MET A 77 25.93 3.14 -11.98
N ILE A 78 25.91 3.56 -10.72
CA ILE A 78 26.26 2.68 -9.63
C ILE A 78 25.27 1.52 -9.54
N THR A 79 25.77 0.37 -9.11
CA THR A 79 24.95 -0.80 -8.86
C THR A 79 25.37 -1.26 -7.49
N MET A 80 24.46 -1.87 -6.73
CA MET A 80 24.85 -2.40 -5.40
C MET A 80 26.24 -3.09 -5.43
N LYS A 81 26.54 -3.84 -6.49
CA LYS A 81 27.85 -4.50 -6.64
C LYS A 81 29.07 -3.53 -6.59
N ASP A 82 28.90 -2.28 -7.04
CA ASP A 82 29.98 -1.28 -7.02
C ASP A 82 30.32 -0.81 -5.62
N MET A 83 29.41 -0.99 -4.67
CA MET A 83 29.62 -0.50 -3.31
C MET A 83 30.76 -1.24 -2.65
N GLY A 84 31.67 -0.49 -2.03
CA GLY A 84 32.71 -1.07 -1.21
C GLY A 84 33.85 -0.09 -1.00
N VAL A 85 35.01 -0.60 -0.58
CA VAL A 85 36.25 0.19 -0.54
C VAL A 85 36.88 0.24 -1.93
N TYR A 86 37.57 1.33 -2.23
CA TYR A 86 38.31 1.48 -3.48
C TYR A 86 39.70 2.04 -3.19
N THR A 87 40.73 1.47 -3.79
CA THR A 87 42.10 1.82 -3.42
C THR A 87 42.81 2.62 -4.51
N LEU A 88 43.32 3.79 -4.13
CA LEU A 88 44.13 4.60 -5.03
C LEU A 88 45.57 4.31 -4.71
N ASP A 89 46.29 3.80 -5.70
CA ASP A 89 47.72 3.58 -5.62
C ASP A 89 48.49 4.61 -6.45
N MET A 90 49.51 5.20 -5.82
CA MET A 90 50.36 6.24 -6.42
C MET A 90 51.80 5.75 -6.50
N THR A 91 52.37 5.73 -7.71
CA THR A 91 53.76 5.31 -7.95
C THR A 91 54.62 6.53 -8.32
N ASP A 92 55.68 6.80 -7.54
CA ASP A 92 56.71 7.77 -7.97
C ASP A 92 57.89 7.06 -8.70
N GLU A 93 59.13 7.33 -8.31
CA GLU A 93 60.28 6.70 -8.95
C GLU A 93 61.12 5.91 -7.94
N ASN A 94 60.88 4.61 -7.79
CA ASN A 94 59.76 3.88 -8.42
C ASN A 94 58.81 3.36 -7.30
N TYR A 95 58.93 3.95 -6.09
CA TYR A 95 58.14 3.58 -4.88
C TYR A 95 56.67 3.90 -5.00
N ARG A 96 55.84 3.02 -4.49
CA ARG A 96 54.40 3.20 -4.61
C ARG A 96 53.77 3.30 -3.23
N ARG A 97 53.03 4.38 -3.02
CA ARG A 97 52.25 4.55 -1.82
C ARG A 97 50.77 4.20 -2.12
N THR A 98 50.48 2.89 -2.04
CA THR A 98 49.21 2.41 -1.55
C THR A 98 49.03 3.35 -0.43
N GLN A 99 47.85 3.93 -0.30
CA GLN A 99 47.50 4.59 0.97
C GLN A 99 46.65 5.77 0.68
N ALA A 100 45.85 5.60 -0.37
CA ALA A 100 44.54 6.21 -0.36
C ALA A 100 43.58 5.05 -0.47
N THR A 101 42.63 5.01 0.45
CA THR A 101 41.42 4.17 0.30
C THR A 101 40.20 5.01 0.58
N VAL A 102 39.07 4.60 0.03
CA VAL A 102 37.79 5.27 0.26
C VAL A 102 36.71 4.18 0.27
N ARG A 103 35.65 4.39 1.02
CA ARG A 103 34.55 3.43 1.10
C ARG A 103 33.33 4.23 0.73
N PHE A 104 32.51 3.72 -0.18
CA PHE A 104 31.18 4.30 -0.35
C PHE A 104 30.07 3.25 -0.35
N HIS A 105 28.85 3.69 -0.08
CA HIS A 105 27.70 2.79 0.07
C HIS A 105 26.61 3.14 -0.94
N VAL A 106 25.99 2.13 -1.53
CA VAL A 106 24.90 2.40 -2.45
C VAL A 106 23.58 1.79 -1.94
N HIS A 107 22.49 2.54 -2.10
CA HIS A 107 21.17 2.10 -1.68
C HIS A 107 20.11 2.38 -2.72
N GLN A 108 19.02 1.59 -2.66
CA GLN A 108 17.87 1.73 -3.54
C GLN A 108 16.95 2.73 -2.90
N PRO A 109 16.43 3.68 -3.69
CA PRO A 109 15.44 4.56 -3.08
C PRO A 109 14.24 3.76 -2.55
N VAL A 110 13.74 4.09 -1.36
CA VAL A 110 12.56 3.41 -0.80
C VAL A 110 11.28 3.77 -1.57
N THR A 111 10.31 2.87 -1.54
CA THR A 111 8.97 3.14 -2.07
C THR A 111 8.02 3.48 -0.93
N GLN A 112 6.86 4.03 -1.25
CA GLN A 112 5.87 4.38 -0.22
C GLN A 112 5.32 3.17 0.56
N PRO A 113 5.45 3.21 1.90
CA PRO A 113 4.90 2.13 2.70
C PRO A 113 3.39 2.24 2.79
N PHE A 114 2.74 1.14 3.14
CA PHE A 114 1.33 1.12 3.37
C PHE A 114 1.04 0.98 4.88
N LEU A 115 0.13 1.79 5.42
CA LEU A 115 -0.30 1.66 6.81
C LEU A 115 -1.63 0.92 6.96
N GLN A 116 -1.63 -0.09 7.83
CA GLN A 116 -2.79 -0.97 8.03
C GLN A 116 -3.47 -0.85 9.39
N VAL A 117 -4.80 -0.92 9.42
CA VAL A 117 -5.56 -0.81 10.65
C VAL A 117 -6.59 -1.90 10.92
N THR A 118 -6.75 -2.23 12.20
CA THR A 118 -7.70 -3.23 12.65
C THR A 118 -9.11 -2.63 12.61
N ASN A 119 -9.41 -1.75 13.56
CA ASN A 119 -10.53 -0.81 13.45
C ASN A 119 -9.97 0.58 13.26
N THR A 120 -10.55 1.34 12.33
CA THR A 120 -10.12 2.72 12.16
C THR A 120 -10.77 3.64 13.20
N THR A 121 -11.89 3.18 13.77
CA THR A 121 -12.64 3.98 14.76
C THR A 121 -12.74 3.23 16.11
N VAL A 122 -11.59 3.08 16.77
CA VAL A 122 -11.43 2.19 17.93
C VAL A 122 -12.00 2.77 19.22
N LYS A 123 -12.64 1.90 20.02
CA LYS A 123 -13.27 2.29 21.30
C LYS A 123 -12.29 2.35 22.49
N GLU A 124 -12.59 3.26 23.42
CA GLU A 124 -11.77 3.55 24.60
C GLU A 124 -11.49 2.33 25.52
N LEU A 125 -10.20 2.10 25.79
CA LEU A 125 -9.72 1.02 26.69
C LEU A 125 -9.57 -0.34 25.97
N ASP A 126 -9.31 -0.28 24.66
CA ASP A 126 -9.15 -1.45 23.79
C ASP A 126 -7.85 -1.35 23.00
N SER A 127 -7.30 -2.49 22.58
CA SER A 127 -6.02 -2.52 21.85
C SER A 127 -6.12 -2.18 20.36
N VAL A 128 -5.14 -1.43 19.88
CA VAL A 128 -4.97 -1.18 18.46
C VAL A 128 -3.64 -1.71 18.04
N THR A 129 -3.61 -2.32 16.86
CA THR A 129 -2.37 -2.74 16.26
C THR A 129 -2.23 -2.04 14.93
N LEU A 130 -1.12 -1.32 14.77
CA LEU A 130 -0.81 -0.71 13.49
C LEU A 130 0.35 -1.45 12.83
N THR A 131 0.20 -1.75 11.55
CA THR A 131 1.20 -2.48 10.82
C THR A 131 1.70 -1.68 9.65
N CYS A 132 3.00 -1.37 9.67
CA CYS A 132 3.68 -0.72 8.56
C CYS A 132 4.20 -1.79 7.65
N LEU A 133 3.70 -1.79 6.42
CA LEU A 133 3.99 -2.84 5.48
C LEU A 133 4.67 -2.16 4.31
N SER A 134 5.78 -2.74 3.83
CA SER A 134 6.47 -2.19 2.66
C SER A 134 7.21 -3.25 1.87
N ASN A 135 7.86 -2.82 0.80
CA ASN A 135 8.75 -3.69 0.07
C ASN A 135 10.15 -3.18 0.22
N ASP A 136 10.49 -2.91 1.47
CA ASP A 136 11.78 -2.31 1.80
C ASP A 136 12.44 -3.03 2.98
N ILE A 137 12.70 -4.31 2.82
CA ILE A 137 13.69 -4.99 3.67
C ILE A 137 14.95 -4.12 3.66
N GLY A 138 15.49 -3.83 4.86
CA GLY A 138 16.73 -3.07 4.99
C GLY A 138 16.51 -1.56 4.94
N ALA A 139 15.29 -1.17 5.29
CA ALA A 139 14.98 0.23 5.48
C ALA A 139 14.72 0.43 6.96
N ASN A 140 14.91 1.65 7.45
CA ASN A 140 14.59 1.94 8.84
C ASN A 140 13.14 2.35 8.99
N ILE A 141 12.55 2.08 10.15
CA ILE A 141 11.11 2.18 10.33
C ILE A 141 10.87 3.11 11.51
N GLN A 142 10.36 4.30 11.23
CA GLN A 142 10.06 5.25 12.27
C GLN A 142 8.57 5.49 12.34
N TRP A 143 8.08 5.78 13.54
CA TRP A 143 6.66 6.01 13.75
C TRP A 143 6.35 7.49 13.94
N LEU A 144 5.26 7.94 13.31
CA LEU A 144 4.86 9.35 13.33
C LEU A 144 3.45 9.54 13.87
N PHE A 145 3.28 10.60 14.67
CA PHE A 145 2.00 10.98 15.26
C PHE A 145 1.83 12.49 15.15
N ASN A 146 0.90 12.88 14.27
CA ASN A 146 0.65 14.29 13.87
C ASN A 146 1.89 14.96 13.23
N SER A 147 2.62 14.19 12.41
CA SER A 147 3.81 14.66 11.70
C SER A 147 5.08 14.65 12.52
N GLN A 148 4.95 14.61 13.84
CA GLN A 148 6.11 14.54 14.71
C GLN A 148 6.39 13.10 15.12
N SER A 149 7.62 12.83 15.55
CA SER A 149 8.01 11.51 16.08
C SER A 149 7.02 11.05 17.14
N LEU A 150 6.62 9.79 17.07
CA LEU A 150 5.65 9.25 18.05
C LEU A 150 6.35 8.98 19.36
N GLN A 151 5.76 9.51 20.44
CA GLN A 151 6.32 9.35 21.77
C GLN A 151 6.15 7.93 22.34
N LEU A 152 7.26 7.19 22.34
CA LEU A 152 7.41 5.85 22.96
C LEU A 152 6.40 5.46 24.09
N THR A 153 6.40 6.22 25.18
CA THR A 153 5.59 5.96 26.41
C THR A 153 5.87 4.65 27.17
N GLU A 154 4.82 4.15 27.84
CA GLU A 154 4.91 3.01 28.76
C GLU A 154 3.96 1.87 28.36
N ARG A 155 2.85 2.21 27.70
CA ARG A 155 1.79 1.26 27.34
C ARG A 155 1.69 1.08 25.82
N MET A 156 2.81 1.30 25.15
CA MET A 156 2.98 1.01 23.74
C MET A 156 4.05 -0.06 23.57
N THR A 157 3.85 -0.94 22.59
CA THR A 157 4.85 -1.94 22.26
C THR A 157 5.11 -1.95 20.76
N LEU A 158 6.39 -2.03 20.38
CA LEU A 158 6.78 -2.18 18.99
C LEU A 158 7.54 -3.48 18.72
N SER A 159 6.92 -4.37 17.95
CA SER A 159 7.54 -5.64 17.62
C SER A 159 7.70 -5.82 16.09
N GLN A 160 8.30 -6.96 15.71
CA GLN A 160 8.66 -7.32 14.33
C GLN A 160 9.68 -6.31 13.75
N ASN A 161 10.63 -5.96 14.60
CA ASN A 161 11.55 -4.83 14.40
C ASN A 161 10.86 -3.59 13.84
N ASN A 162 10.03 -3.02 14.70
CA ASN A 162 9.29 -1.77 14.49
C ASN A 162 8.23 -1.82 13.40
N SER A 163 7.90 -3.03 12.99
CA SER A 163 6.91 -3.29 11.96
C SER A 163 5.50 -3.06 12.50
N ILE A 164 5.21 -3.68 13.66
CA ILE A 164 3.91 -3.58 14.31
C ILE A 164 3.95 -2.75 15.59
N LEU A 165 3.15 -1.68 15.62
CA LEU A 165 2.93 -0.88 16.82
C LEU A 165 1.61 -1.30 17.46
N ARG A 166 1.66 -1.63 18.75
CA ARG A 166 0.49 -2.04 19.51
C ARG A 166 0.31 -1.14 20.73
N ILE A 167 -0.93 -0.69 20.94
CA ILE A 167 -1.30 0.16 22.08
C ILE A 167 -2.57 -0.39 22.77
N ASP A 168 -2.41 -1.04 23.92
CA ASP A 168 -3.54 -1.66 24.61
C ASP A 168 -4.57 -0.65 25.09
N PRO A 169 -4.36 -0.03 26.27
CA PRO A 169 -5.31 1.03 26.58
C PRO A 169 -5.03 2.24 25.68
N ILE A 170 -6.06 2.72 24.98
CA ILE A 170 -5.97 3.98 24.25
C ILE A 170 -6.75 5.08 24.96
N LYS A 171 -6.04 5.81 25.84
CA LYS A 171 -6.58 7.00 26.50
C LYS A 171 -6.83 8.08 25.45
N ARG A 172 -7.73 9.02 25.76
CA ARG A 172 -8.16 10.00 24.76
C ARG A 172 -7.03 10.80 24.12
N GLU A 173 -5.86 10.83 24.78
CA GLU A 173 -4.72 11.60 24.28
C GLU A 173 -3.93 10.88 23.18
N ASP A 174 -4.47 9.76 22.71
CA ASP A 174 -3.89 8.98 21.61
C ASP A 174 -4.69 9.17 20.33
N ALA A 175 -5.55 10.19 20.31
CA ALA A 175 -6.37 10.52 19.13
C ALA A 175 -5.62 11.44 18.17
N GLY A 176 -5.53 11.04 16.91
CA GLY A 176 -4.83 11.86 15.93
C GLY A 176 -4.58 11.18 14.59
N GLU A 177 -3.47 11.56 13.96
CA GLU A 177 -3.14 11.03 12.65
C GLU A 177 -1.83 10.27 12.71
N TYR A 178 -1.91 8.98 12.38
CA TYR A 178 -0.79 8.08 12.50
C TYR A 178 -0.18 7.78 11.16
N GLN A 179 1.14 7.81 11.11
CA GLN A 179 1.89 7.39 9.93
C GLN A 179 3.06 6.59 10.41
N CYS A 180 3.57 5.75 9.52
CA CYS A 180 4.94 5.25 9.62
C CYS A 180 5.81 5.90 8.53
N GLU A 181 7.11 5.87 8.69
CA GLU A 181 7.99 6.30 7.63
C GLU A 181 9.20 5.41 7.57
N ILE A 182 9.52 4.94 6.37
CA ILE A 182 10.78 4.22 6.21
C ILE A 182 11.84 5.09 5.58
N SER A 183 12.99 5.05 6.25
CA SER A 183 14.18 5.81 5.92
C SER A 183 15.18 4.81 5.38
N ASN A 184 16.38 5.30 5.09
CA ASN A 184 17.37 4.65 4.22
C ASN A 184 18.34 5.80 3.96
N PRO A 185 19.63 5.59 4.22
CA PRO A 185 20.61 6.69 4.15
C PRO A 185 20.54 7.62 2.92
N VAL A 186 19.62 7.34 1.99
CA VAL A 186 19.47 8.12 0.74
C VAL A 186 18.00 8.49 0.35
N SER A 187 17.04 7.97 1.12
CA SER A 187 15.62 8.20 0.84
C SER A 187 14.74 8.16 2.09
N VAL A 188 13.67 8.95 2.05
CA VAL A 188 12.66 8.96 3.11
C VAL A 188 11.30 9.01 2.44
N ARG A 189 10.41 8.12 2.82
CA ARG A 189 9.02 8.23 2.41
C ARG A 189 8.05 7.95 3.56
N ARG A 190 6.90 8.64 3.56
CA ARG A 190 5.88 8.54 4.63
C ARG A 190 4.64 7.79 4.18
N SER A 191 4.07 7.00 5.09
CA SER A 191 2.91 6.19 4.77
C SER A 191 1.65 7.03 4.70
N ASN A 192 0.58 6.44 4.16
CA ASN A 192 -0.72 7.07 4.18
C ASN A 192 -1.07 7.29 5.64
N SER A 193 -1.74 8.39 5.94
CA SER A 193 -2.12 8.66 7.31
C SER A 193 -3.30 7.80 7.73
N ILE A 194 -3.42 7.55 9.02
CA ILE A 194 -4.56 6.85 9.60
C ILE A 194 -5.08 7.62 10.80
N LYS A 195 -6.38 7.86 10.83
CA LYS A 195 -6.99 8.76 11.82
C LYS A 195 -7.86 8.04 12.86
N LEU A 196 -7.30 7.87 14.05
CA LEU A 196 -8.03 7.26 15.18
C LEU A 196 -8.91 8.27 15.91
N ASP A 197 -10.23 8.08 15.83
CA ASP A 197 -11.18 8.88 16.60
C ASP A 197 -11.72 8.02 17.71
N ILE A 198 -11.04 8.06 18.87
CA ILE A 198 -11.40 7.22 20.01
C ILE A 198 -12.78 7.56 20.59
N ILE A 199 -13.82 6.93 20.04
CA ILE A 199 -15.21 7.15 20.49
C ILE A 199 -15.78 5.94 21.23
N TYR B 1 52.80 -14.48 -12.99
CA TYR B 1 53.31 -13.52 -14.00
C TYR B 1 54.81 -13.71 -14.18
N ILE B 2 55.33 -14.75 -13.56
CA ILE B 2 56.72 -14.72 -13.03
C ILE B 2 57.61 -13.58 -13.60
N GLY B 3 58.09 -12.75 -12.68
CA GLY B 3 58.45 -11.39 -12.98
C GLY B 3 57.79 -10.60 -11.88
N ASP B 4 58.59 -9.98 -11.01
CA ASP B 4 58.08 -9.33 -9.80
C ASP B 4 57.83 -7.84 -9.89
N PHE B 5 58.62 -7.11 -10.67
CA PHE B 5 58.48 -5.66 -10.75
C PHE B 5 57.18 -5.24 -11.44
N ARG B 6 56.56 -4.19 -10.94
CA ARG B 6 55.35 -3.69 -11.56
C ARG B 6 55.82 -2.56 -12.44
N CYS B 7 55.97 -2.86 -13.71
CA CYS B 7 56.34 -1.85 -14.69
C CYS B 7 55.18 -0.89 -14.94
N ILE B 8 55.49 0.35 -15.25
CA ILE B 8 54.47 1.22 -15.76
C ILE B 8 54.49 1.14 -17.29
N GLN B 9 53.38 0.65 -17.82
CA GLN B 9 53.31 0.21 -19.21
C GLN B 9 52.22 0.91 -19.98
N LEU B 10 52.44 1.06 -21.28
CA LEU B 10 51.49 1.68 -22.17
C LEU B 10 50.54 0.65 -22.80
N VAL B 11 49.89 -0.15 -21.95
CA VAL B 11 49.01 -1.20 -22.47
C VAL B 11 47.89 -1.53 -21.49
N ASN B 12 46.68 -1.65 -22.03
CA ASN B 12 45.52 -2.11 -21.27
C ASN B 12 45.65 -3.55 -20.78
N SER B 13 44.81 -3.91 -19.83
CA SER B 13 44.77 -5.26 -19.29
C SER B 13 43.32 -5.72 -19.19
N ASN B 14 43.12 -7.00 -19.43
CA ASN B 14 41.82 -7.63 -19.26
C ASN B 14 41.97 -9.03 -18.71
N GLY B 15 40.89 -9.56 -18.14
CA GLY B 15 40.97 -10.87 -17.54
C GLY B 15 40.34 -11.93 -18.40
N ALA B 16 40.70 -11.94 -19.69
CA ALA B 16 40.10 -12.90 -20.62
C ALA B 16 40.83 -14.23 -20.52
N ASN B 17 40.13 -15.31 -20.85
CA ASN B 17 40.73 -16.63 -20.98
C ASN B 17 41.54 -16.63 -22.24
N VAL B 18 42.49 -17.54 -22.35
CA VAL B 18 43.28 -17.68 -23.57
C VAL B 18 43.37 -19.15 -24.00
N SER B 19 43.03 -19.41 -25.27
CA SER B 19 43.07 -20.74 -25.85
C SER B 19 44.38 -21.44 -25.58
N ALA B 20 44.35 -22.74 -25.26
CA ALA B 20 45.59 -23.47 -25.02
C ALA B 20 46.47 -23.39 -26.28
N PRO B 21 47.82 -23.24 -26.10
CA PRO B 21 48.77 -23.22 -27.21
C PRO B 21 48.45 -24.25 -28.30
N SER B 22 48.37 -23.78 -29.56
CA SER B 22 47.88 -24.58 -30.72
C SER B 22 48.95 -25.44 -31.41
N ILE B 23 48.71 -26.75 -31.47
CA ILE B 23 49.70 -27.72 -31.90
C ILE B 23 49.94 -27.80 -33.44
N SER B 24 51.15 -28.22 -33.79
CA SER B 24 51.80 -28.07 -35.10
C SER B 24 51.08 -28.62 -36.32
N THR B 25 51.65 -28.30 -37.49
CA THR B 25 51.36 -28.94 -38.78
C THR B 25 49.88 -29.27 -39.03
N LEU B 51 79.00 -38.32 -25.74
CA LEU B 51 78.74 -38.45 -24.31
C LEU B 51 77.39 -37.82 -23.93
N THR B 52 77.21 -36.52 -24.12
CA THR B 52 75.90 -35.90 -23.80
C THR B 52 75.28 -35.28 -25.03
N GLY B 53 74.10 -35.74 -25.41
CA GLY B 53 73.45 -35.29 -26.64
C GLY B 53 72.03 -34.81 -26.47
N TYR B 54 71.72 -33.71 -27.15
CA TYR B 54 70.42 -33.06 -27.12
C TYR B 54 69.68 -33.27 -28.44
N TYR B 55 68.46 -33.78 -28.39
CA TYR B 55 67.63 -33.81 -29.58
C TYR B 55 66.16 -33.58 -29.24
N PRO B 56 65.31 -33.33 -30.28
CA PRO B 56 63.85 -33.43 -30.16
C PRO B 56 63.40 -34.85 -30.51
N VAL B 57 62.23 -35.25 -30.01
CA VAL B 57 61.72 -36.63 -30.15
C VAL B 57 61.10 -36.92 -31.53
N ASP B 58 61.37 -38.13 -32.05
CA ASP B 58 60.65 -38.80 -33.19
C ASP B 58 59.47 -38.01 -33.79
N GLY B 59 58.26 -38.31 -33.30
CA GLY B 59 57.05 -37.75 -33.88
C GLY B 59 56.60 -36.54 -33.11
N SER B 60 57.57 -35.74 -32.63
CA SER B 60 57.30 -34.58 -31.78
C SER B 60 56.40 -33.55 -32.45
N LYS B 61 55.70 -32.80 -31.60
CA LYS B 61 54.71 -31.87 -32.08
C LYS B 61 54.94 -30.48 -31.47
N PHE B 62 55.21 -29.48 -32.31
CA PHE B 62 55.54 -28.11 -31.81
C PHE B 62 54.28 -27.39 -31.33
N ARG B 63 54.42 -26.43 -30.42
CA ARG B 63 53.27 -25.59 -30.04
C ARG B 63 53.55 -24.12 -30.27
N ASN B 64 52.57 -23.40 -30.83
CA ASN B 64 52.79 -21.97 -31.06
C ASN B 64 52.54 -21.12 -29.83
N LEU B 65 53.61 -20.53 -29.30
CA LEU B 65 53.50 -19.68 -28.10
C LEU B 65 53.47 -18.19 -28.38
N ALA B 66 53.34 -17.77 -29.63
CA ALA B 66 53.29 -16.35 -29.89
C ALA B 66 51.92 -15.84 -29.56
N LEU B 67 51.88 -14.76 -28.79
CA LEU B 67 50.63 -14.08 -28.43
C LEU B 67 50.57 -12.66 -29.00
N THR B 68 49.39 -12.18 -29.36
CA THR B 68 49.32 -10.83 -29.92
C THR B 68 48.09 -10.00 -29.61
N GLY B 69 48.35 -8.72 -29.38
CA GLY B 69 47.30 -7.70 -29.21
C GLY B 69 47.60 -6.43 -29.97
N THR B 70 46.61 -5.57 -30.09
CA THR B 70 46.75 -4.26 -30.69
C THR B 70 46.90 -3.32 -29.54
N ASN B 71 46.02 -3.54 -28.58
CA ASN B 71 45.63 -2.58 -27.60
C ASN B 71 46.02 -3.04 -26.21
N SER B 72 45.50 -4.21 -25.82
CA SER B 72 45.66 -4.74 -24.48
C SER B 72 46.45 -6.04 -24.46
N VAL B 73 47.12 -6.28 -23.33
CA VAL B 73 47.56 -7.61 -22.95
C VAL B 73 46.46 -8.24 -22.11
N SER B 74 46.56 -9.55 -21.90
CA SER B 74 45.58 -10.26 -21.13
C SER B 74 46.25 -11.07 -20.03
N LEU B 75 45.87 -10.80 -18.78
CA LEU B 75 46.54 -11.35 -17.60
C LEU B 75 46.77 -12.86 -17.62
N SER B 76 45.85 -13.59 -18.25
CA SER B 76 46.01 -15.03 -18.40
C SER B 76 47.15 -15.42 -19.37
N TRP B 77 47.66 -14.46 -20.13
CA TRP B 77 48.83 -14.66 -20.99
C TRP B 77 50.10 -15.00 -20.24
N PHE B 78 50.17 -14.55 -18.98
CA PHE B 78 51.42 -14.52 -18.23
C PHE B 78 51.49 -15.61 -17.18
N GLN B 79 50.99 -16.78 -17.51
CA GLN B 79 51.07 -17.93 -16.61
C GLN B 79 51.10 -19.21 -17.44
N PRO B 80 51.28 -20.38 -16.79
CA PRO B 80 51.27 -21.62 -17.56
C PRO B 80 49.95 -21.78 -18.31
N PRO B 81 49.96 -22.48 -19.44
CA PRO B 81 51.08 -23.27 -19.96
C PRO B 81 52.05 -22.47 -20.81
N TYR B 82 51.84 -21.15 -20.88
CA TYR B 82 52.66 -20.26 -21.70
C TYR B 82 54.05 -20.06 -21.06
N LEU B 83 54.03 -19.67 -19.80
CA LEU B 83 55.20 -19.77 -18.95
C LEU B 83 55.52 -21.26 -18.81
N SER B 84 56.57 -21.71 -19.49
CA SER B 84 56.83 -23.16 -19.66
C SER B 84 58.13 -23.68 -19.04
N GLN B 85 58.17 -24.97 -18.70
CA GLN B 85 59.34 -25.53 -18.06
C GLN B 85 60.50 -25.67 -19.03
N PHE B 86 61.70 -25.20 -18.64
CA PHE B 86 62.82 -25.20 -19.58
C PHE B 86 63.48 -26.57 -19.79
N ASN B 87 63.57 -27.38 -18.73
CA ASN B 87 64.14 -28.75 -18.78
C ASN B 87 65.49 -28.93 -19.48
N ASP B 88 65.52 -29.69 -20.59
CA ASP B 88 66.77 -29.93 -21.34
C ASP B 88 66.88 -29.07 -22.58
N GLY B 89 66.11 -27.98 -22.61
CA GLY B 89 66.16 -27.00 -23.71
C GLY B 89 64.99 -27.08 -24.68
N ILE B 90 65.06 -26.26 -25.72
CA ILE B 90 64.04 -26.20 -26.76
C ILE B 90 64.65 -26.00 -28.12
N PHE B 91 63.93 -26.52 -29.14
CA PHE B 91 64.14 -26.26 -30.56
C PHE B 91 62.97 -25.40 -31.01
N ALA B 92 63.24 -24.28 -31.66
CA ALA B 92 62.19 -23.33 -32.01
C ALA B 92 62.30 -22.92 -33.43
N LYS B 93 61.17 -22.68 -34.07
CA LYS B 93 61.22 -22.02 -35.37
C LYS B 93 60.24 -20.89 -35.39
N VAL B 94 60.71 -19.71 -35.78
CA VAL B 94 59.87 -18.53 -35.68
C VAL B 94 59.74 -17.78 -37.01
N GLN B 95 58.50 -17.66 -37.47
CA GLN B 95 58.13 -16.85 -38.60
C GLN B 95 58.75 -15.47 -38.56
N ASN B 96 59.21 -14.98 -39.68
CA ASN B 96 59.63 -13.60 -39.79
C ASN B 96 58.47 -12.72 -40.22
N LEU B 97 58.07 -11.82 -39.33
CA LEU B 97 56.92 -10.98 -39.62
C LEU B 97 57.31 -9.62 -40.14
N LYS B 98 58.57 -9.52 -40.53
CA LYS B 98 59.05 -8.32 -41.16
C LYS B 98 58.01 -7.73 -42.12
N THR B 99 57.54 -8.52 -43.08
CA THR B 99 56.70 -7.96 -44.15
C THR B 99 55.23 -7.64 -43.78
N SER B 100 54.71 -8.20 -42.69
CA SER B 100 53.34 -7.84 -42.25
C SER B 100 53.26 -6.80 -41.09
N THR B 101 54.38 -6.15 -40.79
CA THR B 101 54.43 -5.08 -39.79
C THR B 101 54.20 -3.71 -40.41
N PRO B 102 53.80 -2.71 -39.60
CA PRO B 102 53.58 -1.34 -40.10
C PRO B 102 54.88 -0.63 -40.47
N SER B 103 54.74 0.59 -41.02
CA SER B 103 55.82 1.34 -41.65
C SER B 103 57.13 1.45 -40.85
N GLY B 104 57.07 2.06 -39.65
CA GLY B 104 58.26 2.29 -38.83
C GLY B 104 58.81 1.10 -38.04
N ALA B 105 58.10 -0.02 -38.08
CA ALA B 105 58.40 -1.18 -37.24
C ALA B 105 59.85 -1.60 -37.24
N THR B 106 60.29 -2.10 -36.09
CA THR B 106 61.68 -2.47 -35.86
C THR B 106 61.85 -3.87 -35.27
N ALA B 107 60.80 -4.44 -34.68
CA ALA B 107 60.88 -5.82 -34.23
C ALA B 107 60.08 -6.70 -35.15
N TYR B 108 60.74 -7.68 -35.72
CA TYR B 108 60.13 -8.48 -36.75
C TYR B 108 59.63 -9.83 -36.26
N PHE B 109 59.82 -10.11 -34.98
CA PHE B 109 59.22 -11.29 -34.39
C PHE B 109 59.31 -11.20 -32.88
N PRO B 110 58.49 -11.99 -32.14
CA PRO B 110 58.49 -12.00 -30.68
C PRO B 110 59.86 -12.26 -30.00
N THR B 111 60.11 -11.54 -28.92
CA THR B 111 61.22 -11.84 -28.04
C THR B 111 60.92 -13.01 -27.09
N ILE B 112 61.96 -13.78 -26.80
CA ILE B 112 61.83 -14.90 -25.88
C ILE B 112 62.73 -14.57 -24.71
N VAL B 113 62.48 -15.21 -23.58
CA VAL B 113 63.14 -14.92 -22.33
C VAL B 113 63.38 -16.28 -21.67
N ILE B 114 64.61 -16.56 -21.28
CA ILE B 114 64.89 -17.83 -20.61
C ILE B 114 65.46 -17.44 -19.26
N GLY B 115 65.11 -18.18 -18.23
CA GLY B 115 65.64 -17.87 -16.92
C GLY B 115 65.00 -18.72 -15.87
N SER B 116 65.16 -18.29 -14.62
CA SER B 116 64.67 -19.06 -13.51
C SER B 116 63.55 -18.35 -12.76
N LEU B 117 63.90 -17.39 -11.93
CA LEU B 117 62.91 -16.72 -11.10
C LEU B 117 62.64 -15.31 -11.58
N PHE B 118 63.36 -14.89 -12.62
CA PHE B 118 63.17 -13.59 -13.25
C PHE B 118 63.40 -12.36 -12.35
N GLY B 119 64.23 -12.51 -11.33
CA GLY B 119 64.49 -11.40 -10.42
C GLY B 119 65.92 -10.93 -10.47
N TYR B 120 66.21 -9.81 -9.79
CA TYR B 120 67.56 -9.26 -9.79
C TYR B 120 68.54 -10.22 -9.08
N THR B 121 67.97 -11.23 -8.44
CA THR B 121 68.75 -12.30 -7.82
C THR B 121 69.26 -13.38 -8.80
N SER B 122 68.97 -13.25 -10.09
CA SER B 122 69.30 -14.35 -11.02
C SER B 122 69.35 -13.97 -12.51
N TYR B 123 70.17 -14.72 -13.26
CA TYR B 123 70.42 -14.41 -14.67
C TYR B 123 69.29 -14.85 -15.56
N THR B 124 68.91 -13.94 -16.45
CA THR B 124 67.86 -14.17 -17.43
C THR B 124 68.51 -13.92 -18.77
N VAL B 125 68.37 -14.87 -19.68
CA VAL B 125 68.77 -14.69 -21.06
C VAL B 125 67.67 -13.93 -21.79
N VAL B 126 68.05 -12.86 -22.48
CA VAL B 126 67.13 -12.19 -23.41
C VAL B 126 67.57 -12.20 -24.89
N ILE B 127 66.75 -12.78 -25.78
CA ILE B 127 67.00 -12.70 -27.22
C ILE B 127 65.93 -11.87 -27.96
N GLU B 128 66.27 -10.65 -28.34
CA GLU B 128 65.30 -9.68 -28.85
C GLU B 128 65.79 -9.04 -30.17
N PRO B 129 65.03 -9.19 -31.26
CA PRO B 129 65.54 -8.60 -32.47
C PRO B 129 65.31 -7.11 -32.49
N TYR B 130 66.23 -6.38 -33.11
CA TYR B 130 65.97 -5.00 -33.51
C TYR B 130 66.55 -4.78 -34.89
N ASN B 131 65.70 -4.31 -35.81
CA ASN B 131 66.09 -4.09 -37.19
C ASN B 131 66.85 -5.30 -37.79
N GLY B 132 68.12 -5.10 -38.18
CA GLY B 132 68.92 -6.17 -38.77
C GLY B 132 69.66 -7.08 -37.80
N VAL B 133 69.42 -6.94 -36.50
CA VAL B 133 70.24 -7.65 -35.50
C VAL B 133 69.45 -8.48 -34.50
N ILE B 134 70.03 -9.58 -34.05
CA ILE B 134 69.56 -10.27 -32.87
C ILE B 134 70.33 -9.72 -31.66
N MET B 135 69.63 -8.97 -30.80
CA MET B 135 70.24 -8.50 -29.56
C MET B 135 70.20 -9.65 -28.54
N ALA B 136 71.37 -10.23 -28.25
CA ALA B 136 71.48 -11.22 -27.20
C ALA B 136 72.04 -10.54 -25.95
N SER B 137 71.50 -10.94 -24.79
CA SER B 137 71.97 -10.47 -23.50
C SER B 137 71.61 -11.46 -22.40
N VAL B 138 72.48 -11.56 -21.40
CA VAL B 138 72.22 -12.35 -20.22
C VAL B 138 72.63 -11.50 -19.04
N CYS B 139 71.65 -11.11 -18.21
CA CYS B 139 71.88 -10.16 -17.12
C CYS B 139 70.98 -10.52 -15.96
N GLN B 140 71.19 -9.87 -14.81
CA GLN B 140 70.25 -9.98 -13.71
C GLN B 140 69.14 -8.95 -13.90
N TYR B 141 68.18 -9.27 -14.75
CA TYR B 141 67.15 -8.30 -15.06
C TYR B 141 66.06 -8.25 -14.00
N THR B 142 65.63 -7.03 -13.69
CA THR B 142 64.34 -6.83 -13.03
C THR B 142 63.21 -6.90 -14.08
N ILE B 143 62.69 -8.10 -14.27
CA ILE B 143 61.72 -8.32 -15.31
C ILE B 143 60.32 -7.94 -14.83
N CYS B 144 59.47 -7.50 -15.74
CA CYS B 144 58.13 -7.03 -15.37
C CYS B 144 57.25 -8.17 -14.91
N GLN B 145 56.11 -7.81 -14.31
CA GLN B 145 55.08 -8.76 -14.05
C GLN B 145 54.51 -9.17 -15.39
N LEU B 146 54.23 -8.18 -16.23
CA LEU B 146 53.57 -8.43 -17.49
C LEU B 146 54.46 -8.15 -18.69
N PRO B 147 55.63 -8.83 -18.79
CA PRO B 147 56.63 -8.40 -19.78
C PRO B 147 56.10 -8.55 -21.16
N TYR B 148 56.25 -7.51 -21.97
CA TYR B 148 55.83 -7.58 -23.37
C TYR B 148 56.77 -6.83 -24.32
N THR B 149 56.49 -6.96 -25.62
CA THR B 149 57.29 -6.33 -26.66
C THR B 149 56.42 -5.71 -27.71
N ASP B 150 56.88 -4.60 -28.28
CA ASP B 150 56.15 -3.97 -29.38
C ASP B 150 56.91 -4.11 -30.71
N CYS B 151 56.16 -4.30 -31.80
CA CYS B 151 56.75 -4.31 -33.14
C CYS B 151 57.33 -2.93 -33.50
N LYS B 152 56.70 -1.88 -32.99
CA LYS B 152 57.12 -0.49 -33.24
C LYS B 152 57.00 0.31 -31.94
N PRO B 153 57.96 0.12 -31.00
CA PRO B 153 57.85 0.73 -29.67
C PRO B 153 58.09 2.23 -29.70
N ASN B 154 57.18 3.01 -29.12
CA ASN B 154 57.40 4.46 -28.98
C ASN B 154 56.85 5.10 -27.70
N THR B 155 57.78 5.56 -26.88
CA THR B 155 57.49 6.32 -25.67
C THR B 155 57.69 7.79 -25.96
N ASN B 156 56.66 8.60 -25.71
CA ASN B 156 56.80 10.04 -25.82
C ASN B 156 57.80 10.62 -24.81
N GLY B 157 59.06 10.18 -24.92
CA GLY B 157 60.11 10.58 -23.99
C GLY B 157 59.77 10.35 -22.53
N ASN B 158 59.56 9.09 -22.18
CA ASN B 158 59.28 8.70 -20.80
C ASN B 158 60.17 7.52 -20.42
N LYS B 159 61.28 7.87 -19.77
CA LYS B 159 62.31 6.91 -19.36
C LYS B 159 61.81 5.95 -18.27
N LEU B 160 60.80 6.38 -17.51
CA LEU B 160 60.15 5.57 -16.47
C LEU B 160 59.40 4.39 -17.06
N ILE B 161 58.87 4.57 -18.29
CA ILE B 161 58.13 3.51 -18.98
C ILE B 161 59.05 2.32 -19.17
N GLY B 162 58.47 1.12 -19.18
CA GLY B 162 59.24 -0.09 -19.41
C GLY B 162 58.39 -1.15 -20.06
N PHE B 163 58.98 -1.95 -20.93
CA PHE B 163 58.20 -2.91 -21.68
C PHE B 163 58.28 -4.28 -21.04
N TRP B 164 59.48 -4.85 -21.00
CA TRP B 164 59.69 -6.17 -20.42
C TRP B 164 60.55 -6.13 -19.14
N HIS B 165 61.20 -5.00 -18.86
CA HIS B 165 61.99 -4.84 -17.62
C HIS B 165 62.14 -3.37 -17.19
N THR B 166 62.37 -3.15 -15.90
CA THR B 166 62.86 -1.85 -15.45
C THR B 166 64.04 -2.09 -14.54
N ASP B 167 65.15 -1.38 -14.81
CA ASP B 167 66.34 -1.45 -13.98
C ASP B 167 66.93 -0.06 -13.69
N VAL B 168 66.64 0.55 -12.54
CA VAL B 168 67.15 1.91 -12.30
C VAL B 168 68.70 1.93 -12.25
N LYS B 169 69.29 0.83 -11.77
CA LYS B 169 70.72 0.54 -11.91
C LYS B 169 70.90 -0.36 -13.13
N PRO B 170 71.99 -0.13 -13.92
CA PRO B 170 72.28 -1.07 -15.00
C PRO B 170 72.65 -2.43 -14.41
N PRO B 171 72.00 -3.52 -14.85
CA PRO B 171 72.27 -4.78 -14.16
C PRO B 171 73.59 -5.42 -14.58
N ILE B 172 74.21 -6.15 -13.66
CA ILE B 172 75.29 -7.07 -13.95
C ILE B 172 74.86 -7.94 -15.15
N CYS B 173 75.63 -7.89 -16.26
CA CYS B 173 75.49 -8.83 -17.39
C CYS B 173 76.69 -9.72 -17.46
N VAL B 174 76.57 -10.81 -18.19
CA VAL B 174 77.68 -11.70 -18.41
C VAL B 174 77.79 -11.97 -19.90
N LEU B 175 76.80 -11.50 -20.67
CA LEU B 175 76.91 -11.41 -22.12
C LEU B 175 75.92 -10.37 -22.63
N LYS B 176 76.44 -9.34 -23.30
CA LYS B 176 75.66 -8.39 -24.10
C LYS B 176 76.30 -8.34 -25.48
N ARG B 177 75.68 -9.04 -26.44
CA ARG B 177 76.28 -9.19 -27.77
C ARG B 177 75.22 -9.17 -28.87
N ASN B 178 75.48 -8.43 -29.93
CA ASN B 178 74.55 -8.36 -31.03
C ASN B 178 74.93 -9.37 -32.11
N PHE B 179 73.95 -9.98 -32.75
CA PHE B 179 74.24 -10.87 -33.86
C PHE B 179 73.42 -10.48 -35.04
N THR B 180 73.85 -10.89 -36.22
CA THR B 180 73.17 -10.44 -37.41
C THR B 180 72.00 -11.35 -37.82
N LEU B 181 70.88 -10.72 -38.13
CA LEU B 181 69.66 -11.42 -38.50
C LEU B 181 69.50 -11.39 -40.04
N ASN B 182 68.97 -12.45 -40.61
CA ASN B 182 68.75 -12.43 -42.07
C ASN B 182 67.42 -11.77 -42.49
N VAL B 183 67.47 -10.43 -42.52
CA VAL B 183 66.31 -9.53 -42.64
C VAL B 183 65.21 -10.03 -43.60
N ASN B 184 65.63 -10.56 -44.74
CA ASN B 184 64.69 -11.13 -45.68
C ASN B 184 64.84 -12.64 -45.63
N ALA B 185 63.98 -13.30 -44.87
CA ALA B 185 64.01 -14.76 -44.76
C ALA B 185 62.75 -15.22 -44.11
N ASP B 186 62.03 -16.11 -44.77
CA ASP B 186 60.82 -16.73 -44.19
C ASP B 186 60.81 -16.92 -42.64
N ALA B 187 61.65 -17.79 -42.11
CA ALA B 187 61.60 -18.19 -40.71
C ALA B 187 62.98 -18.42 -40.14
N PHE B 188 63.12 -18.20 -38.83
CA PHE B 188 64.40 -18.44 -38.15
C PHE B 188 64.31 -19.68 -37.26
N TYR B 189 65.43 -20.36 -37.11
CA TYR B 189 65.47 -21.58 -36.35
C TYR B 189 66.44 -21.44 -35.16
N PHE B 190 65.92 -21.49 -33.94
CA PHE B 190 66.80 -21.42 -32.79
C PHE B 190 66.92 -22.78 -32.05
N HIS B 191 68.09 -22.99 -31.46
CA HIS B 191 68.25 -24.03 -30.42
C HIS B 191 68.84 -23.40 -29.16
N PHE B 192 68.19 -23.62 -28.04
CA PHE B 192 68.73 -23.16 -26.79
C PHE B 192 68.86 -24.33 -25.83
N TYR B 193 70.08 -24.61 -25.37
CA TYR B 193 70.19 -25.55 -24.25
C TYR B 193 71.21 -25.11 -23.22
N GLN B 194 71.38 -25.94 -22.19
CA GLN B 194 72.31 -25.65 -21.09
C GLN B 194 72.90 -26.96 -20.63
N HIS B 195 74.22 -26.98 -20.48
CA HIS B 195 74.90 -28.10 -19.90
C HIS B 195 76.06 -27.59 -19.05
N GLY B 196 76.43 -28.35 -18.03
CA GLY B 196 77.40 -27.87 -17.06
C GLY B 196 77.29 -26.39 -16.72
N GLY B 197 76.08 -25.88 -16.54
CA GLY B 197 75.88 -24.46 -16.24
C GLY B 197 76.01 -23.53 -17.42
N THR B 198 76.60 -24.02 -18.51
CA THR B 198 76.74 -23.24 -19.74
C THR B 198 75.52 -23.33 -20.69
N PHE B 199 74.92 -22.17 -20.96
CA PHE B 199 73.84 -22.02 -21.91
C PHE B 199 74.47 -22.00 -23.28
N TYR B 200 73.83 -22.63 -24.27
CA TYR B 200 74.30 -22.68 -25.66
C TYR B 200 73.19 -22.20 -26.55
N ALA B 201 73.52 -21.31 -27.49
CA ALA B 201 72.51 -20.78 -28.41
C ALA B 201 72.89 -21.08 -29.84
N TYR B 202 72.01 -21.70 -30.61
CA TYR B 202 72.30 -21.79 -32.05
C TYR B 202 71.24 -21.10 -32.85
N TYR B 203 71.63 -20.59 -34.01
CA TYR B 203 70.69 -19.94 -34.93
C TYR B 203 70.88 -20.40 -36.34
N ALA B 204 69.81 -20.35 -37.13
CA ALA B 204 69.89 -20.40 -38.61
C ALA B 204 68.65 -19.75 -39.24
N ASP B 205 68.71 -19.53 -40.55
CA ASP B 205 67.56 -19.00 -41.30
C ASP B 205 66.96 -19.99 -42.31
N LYS B 206 67.36 -21.25 -42.21
CA LYS B 206 66.95 -22.29 -43.12
C LYS B 206 67.19 -23.56 -42.33
N PRO B 207 66.46 -24.64 -42.60
CA PRO B 207 66.58 -25.80 -41.72
C PRO B 207 67.78 -26.71 -42.12
N SER B 208 68.42 -26.35 -43.23
CA SER B 208 69.53 -27.11 -43.78
C SER B 208 70.88 -26.78 -43.11
N ALA B 209 70.89 -25.79 -42.23
CA ALA B 209 72.13 -25.29 -41.68
C ALA B 209 71.91 -25.04 -40.21
N THR B 210 73.01 -24.96 -39.46
CA THR B 210 72.99 -24.49 -38.08
C THR B 210 74.28 -23.77 -37.84
N THR B 211 74.17 -22.64 -37.14
CA THR B 211 75.33 -21.83 -36.84
C THR B 211 75.31 -21.46 -35.38
N PHE B 212 76.46 -21.61 -34.74
CA PHE B 212 76.64 -21.26 -33.35
C PHE B 212 76.32 -19.79 -33.18
N LEU B 213 75.37 -19.47 -32.31
CA LEU B 213 75.10 -18.05 -31.97
C LEU B 213 76.07 -17.57 -30.89
N PHE B 214 75.83 -18.00 -29.66
CA PHE B 214 76.72 -17.71 -28.52
C PHE B 214 76.60 -18.81 -27.46
N SER B 215 77.48 -18.75 -26.46
CA SER B 215 77.32 -19.54 -25.25
C SER B 215 78.00 -18.85 -24.13
N VAL B 216 77.40 -18.95 -22.96
CA VAL B 216 77.94 -18.31 -21.75
C VAL B 216 77.71 -19.22 -20.54
N TYR B 217 78.67 -19.22 -19.61
CA TYR B 217 78.49 -19.93 -18.35
C TYR B 217 77.54 -19.14 -17.46
N ILE B 218 76.59 -19.84 -16.82
CA ILE B 218 75.67 -19.21 -15.84
C ILE B 218 75.73 -19.86 -14.43
N GLY B 219 75.72 -19.03 -13.39
CA GLY B 219 75.76 -19.53 -12.02
C GLY B 219 74.49 -20.18 -11.49
N ASP B 220 73.32 -19.71 -11.97
CA ASP B 220 72.02 -20.31 -11.66
C ASP B 220 71.85 -21.41 -12.67
N ILE B 221 70.74 -22.13 -12.59
CA ILE B 221 70.35 -23.03 -13.70
C ILE B 221 68.96 -22.64 -14.18
N LEU B 222 68.79 -22.57 -15.49
CA LEU B 222 67.56 -22.05 -16.05
C LEU B 222 66.47 -23.11 -15.99
N THR B 223 65.32 -22.73 -15.46
CA THR B 223 64.22 -23.67 -15.20
C THR B 223 62.93 -23.34 -15.92
N GLN B 224 62.82 -22.12 -16.44
CA GLN B 224 61.57 -21.67 -17.06
C GLN B 224 61.87 -20.84 -18.25
N TYR B 225 60.93 -20.73 -19.18
CA TYR B 225 61.07 -19.78 -20.30
C TYR B 225 59.76 -19.17 -20.74
N TYR B 226 59.86 -18.06 -21.47
CA TYR B 226 58.66 -17.30 -21.89
C TYR B 226 58.82 -16.53 -23.22
N VAL B 227 57.83 -16.64 -24.08
CA VAL B 227 57.83 -15.86 -25.30
C VAL B 227 56.92 -14.67 -25.06
N LEU B 228 57.50 -13.47 -25.05
CA LEU B 228 56.72 -12.30 -24.65
C LEU B 228 55.66 -11.94 -25.68
N PRO B 229 54.43 -11.59 -25.22
CA PRO B 229 53.41 -11.13 -26.16
C PRO B 229 53.92 -10.03 -27.07
N PHE B 230 53.70 -10.20 -28.35
CA PHE B 230 54.16 -9.26 -29.34
C PHE B 230 52.95 -8.41 -29.68
N ILE B 231 52.91 -7.14 -29.24
CA ILE B 231 51.77 -6.29 -29.61
C ILE B 231 52.07 -5.30 -30.75
N CYS B 232 51.12 -5.10 -31.67
CA CYS B 232 51.37 -4.38 -32.92
C CYS B 232 50.09 -3.93 -33.60
N ASN B 233 50.11 -2.73 -34.16
CA ASN B 233 48.99 -2.23 -34.97
C ASN B 233 49.20 -2.52 -36.45
N PRO B 234 48.95 -3.78 -36.91
CA PRO B 234 49.23 -4.04 -38.30
C PRO B 234 48.30 -3.21 -39.16
N THR B 235 48.86 -2.72 -40.25
CA THR B 235 48.18 -1.80 -41.13
C THR B 235 47.22 -2.54 -42.08
N ALA B 236 46.12 -1.87 -42.46
CA ALA B 236 45.11 -2.39 -43.41
C ALA B 236 44.48 -3.71 -42.99
N GLY B 237 43.88 -4.41 -43.95
CA GLY B 237 43.37 -5.76 -43.76
C GLY B 237 44.52 -6.75 -43.84
N SER B 238 45.20 -6.93 -42.72
CA SER B 238 46.40 -7.75 -42.66
C SER B 238 46.27 -8.83 -41.58
N THR B 239 46.55 -10.07 -41.98
CA THR B 239 46.70 -11.20 -41.08
C THR B 239 48.04 -11.13 -40.31
N PHE B 240 47.98 -10.53 -39.15
CA PHE B 240 49.13 -10.48 -38.27
C PHE B 240 49.17 -11.80 -37.50
N ALA B 241 50.01 -12.72 -37.97
CA ALA B 241 50.05 -14.07 -37.40
C ALA B 241 51.41 -14.38 -36.74
N PRO B 242 51.73 -13.71 -35.64
CA PRO B 242 52.98 -14.14 -35.08
C PRO B 242 52.92 -15.63 -34.73
N ARG B 243 54.00 -16.33 -35.08
CA ARG B 243 54.15 -17.74 -34.75
C ARG B 243 55.54 -17.93 -34.17
N TYR B 244 55.61 -18.70 -33.08
CA TYR B 244 56.84 -19.01 -32.38
C TYR B 244 56.78 -20.48 -31.99
N TRP B 245 56.96 -21.37 -32.93
CA TRP B 245 56.70 -22.77 -32.61
C TRP B 245 57.89 -23.40 -31.93
N VAL B 246 57.63 -24.06 -30.81
CA VAL B 246 58.70 -24.68 -30.04
C VAL B 246 58.33 -26.08 -29.61
N THR B 247 59.26 -27.02 -29.81
CA THR B 247 59.23 -28.37 -29.21
C THR B 247 60.35 -28.47 -28.14
N PRO B 248 60.26 -29.43 -27.20
CA PRO B 248 61.37 -29.53 -26.24
C PRO B 248 62.56 -30.35 -26.75
N LEU B 249 63.69 -30.34 -26.04
CA LEU B 249 64.81 -31.21 -26.37
C LEU B 249 64.93 -32.25 -25.28
N VAL B 250 65.58 -33.37 -25.56
CA VAL B 250 65.80 -34.33 -24.50
C VAL B 250 67.29 -34.55 -24.31
N LYS B 251 67.69 -34.85 -23.08
CA LYS B 251 69.09 -35.16 -22.79
C LYS B 251 69.33 -36.67 -22.94
N ARG B 252 70.58 -37.04 -23.25
CA ARG B 252 71.01 -38.43 -23.13
C ARG B 252 72.52 -38.50 -23.07
N GLN B 253 73.01 -39.24 -22.07
CA GLN B 253 74.44 -39.46 -21.87
C GLN B 253 74.75 -40.93 -22.09
N TYR B 254 75.89 -41.22 -22.69
CA TYR B 254 76.23 -42.59 -23.06
C TYR B 254 77.53 -43.07 -22.45
N GLU C 1 -50.48 -5.46 -10.65
CA GLU C 1 -50.44 -4.97 -9.25
C GLU C 1 -49.34 -3.95 -9.09
N VAL C 2 -48.75 -3.88 -7.91
CA VAL C 2 -47.69 -2.92 -7.67
C VAL C 2 -46.30 -3.52 -7.85
N THR C 3 -45.44 -2.78 -8.53
CA THR C 3 -44.04 -3.10 -8.72
C THR C 3 -43.27 -2.03 -7.96
N ILE C 4 -42.11 -2.40 -7.41
CA ILE C 4 -41.23 -1.40 -6.79
C ILE C 4 -39.75 -1.76 -6.92
N GLU C 5 -38.92 -0.81 -7.35
CA GLU C 5 -37.48 -1.06 -7.49
C GLU C 5 -36.55 -0.04 -6.85
N ALA C 6 -35.41 -0.53 -6.38
CA ALA C 6 -34.39 0.32 -5.81
C ALA C 6 -33.50 0.85 -6.92
N VAL C 7 -33.53 2.16 -7.10
CA VAL C 7 -32.66 2.83 -8.06
C VAL C 7 -31.63 3.66 -7.29
N PRO C 8 -30.38 3.18 -7.20
CA PRO C 8 -29.88 1.92 -7.71
C PRO C 8 -29.94 0.84 -6.62
N PRO C 9 -29.88 -0.46 -6.99
CA PRO C 9 -30.04 -1.51 -5.99
C PRO C 9 -28.84 -1.62 -5.04
N GLN C 10 -27.68 -1.22 -5.55
CA GLN C 10 -26.46 -1.18 -4.78
C GLN C 10 -26.08 0.28 -4.57
N VAL C 11 -26.10 0.77 -3.32
CA VAL C 11 -25.87 2.20 -3.03
C VAL C 11 -24.54 2.49 -2.34
N ALA C 12 -23.91 3.60 -2.72
CA ALA C 12 -22.68 4.07 -2.07
C ALA C 12 -22.98 4.95 -0.85
N GLU C 13 -22.16 4.82 0.19
CA GLU C 13 -22.28 5.64 1.41
C GLU C 13 -22.59 7.11 1.07
N ASP C 14 -23.47 7.73 1.84
CA ASP C 14 -23.86 9.14 1.67
C ASP C 14 -24.47 9.48 0.29
N ASN C 15 -25.04 8.48 -0.37
CA ASN C 15 -25.62 8.70 -1.69
C ASN C 15 -27.12 8.53 -1.71
N ASN C 16 -27.76 8.95 -2.80
CA ASN C 16 -29.21 8.93 -2.89
C ASN C 16 -29.72 7.59 -3.34
N VAL C 17 -30.87 7.18 -2.83
CA VAL C 17 -31.54 5.97 -3.33
C VAL C 17 -33.05 6.19 -3.44
N LEU C 18 -33.57 5.93 -4.63
CA LEU C 18 -35.01 6.06 -4.85
C LEU C 18 -35.64 4.68 -4.73
N LEU C 19 -36.82 4.64 -4.13
CA LEU C 19 -37.58 3.41 -4.13
C LEU C 19 -38.71 3.58 -5.13
N LEU C 20 -38.40 3.33 -6.40
CA LEU C 20 -39.27 3.71 -7.50
C LEU C 20 -40.45 2.77 -7.60
N VAL C 21 -41.66 3.35 -7.53
CA VAL C 21 -42.91 2.57 -7.53
C VAL C 21 -43.67 2.60 -8.86
N HIS C 22 -43.92 1.43 -9.42
CA HIS C 22 -44.65 1.35 -10.69
C HIS C 22 -46.06 0.83 -10.45
N ASN C 23 -47.03 1.43 -11.15
CA ASN C 23 -48.43 1.05 -11.08
C ASN C 23 -48.96 0.99 -9.67
N LEU C 24 -48.87 2.13 -9.00
CA LEU C 24 -49.44 2.32 -7.67
C LEU C 24 -50.95 2.51 -7.84
N PRO C 25 -51.77 1.75 -7.08
CA PRO C 25 -53.23 1.82 -7.26
C PRO C 25 -53.83 3.22 -7.15
N LEU C 26 -54.78 3.52 -8.02
CA LEU C 26 -55.45 4.81 -8.02
C LEU C 26 -56.45 4.85 -6.86
N ALA C 27 -56.91 6.06 -6.52
CA ALA C 27 -57.95 6.23 -5.50
C ALA C 27 -57.62 5.43 -4.24
N LEU C 28 -56.40 5.56 -3.76
CA LEU C 28 -55.99 4.92 -2.52
C LEU C 28 -56.51 5.74 -1.37
N GLY C 29 -56.57 5.13 -0.20
CA GLY C 29 -56.98 5.85 0.99
C GLY C 29 -55.79 6.55 1.56
N ALA C 30 -54.67 5.84 1.62
CA ALA C 30 -53.40 6.34 2.15
C ALA C 30 -52.34 5.25 1.91
N PHE C 31 -51.13 5.70 1.61
CA PHE C 31 -49.96 4.81 1.56
C PHE C 31 -48.88 5.30 2.49
N ALA C 32 -48.03 4.38 2.93
CA ALA C 32 -46.96 4.71 3.89
C ALA C 32 -45.82 3.72 3.80
N TRP C 33 -44.58 4.25 3.87
CA TRP C 33 -43.38 3.42 3.90
C TRP C 33 -42.93 3.08 5.34
N TYR C 34 -42.31 1.90 5.49
CA TYR C 34 -41.84 1.41 6.79
C TYR C 34 -40.40 0.92 6.74
N LYS C 35 -39.67 1.08 7.85
CA LYS C 35 -38.32 0.54 7.98
C LYS C 35 -38.44 -0.89 8.44
N GLY C 36 -38.02 -1.81 7.59
CA GLY C 36 -38.11 -3.20 7.92
C GLY C 36 -39.23 -3.77 7.11
N ASN C 37 -39.39 -5.09 7.25
CA ASN C 37 -40.54 -5.83 6.75
C ASN C 37 -41.85 -5.71 7.58
N THR C 38 -41.87 -4.94 8.68
CA THR C 38 -43.14 -4.65 9.40
C THR C 38 -43.93 -3.52 8.77
N THR C 39 -45.22 -3.43 9.13
CA THR C 39 -46.00 -2.19 8.92
C THR C 39 -46.48 -1.63 10.25
N ALA C 40 -45.89 -2.11 11.34
CA ALA C 40 -46.00 -1.53 12.66
C ALA C 40 -45.74 -0.02 12.67
N ILE C 41 -46.57 0.68 13.43
CA ILE C 41 -46.51 2.14 13.59
C ILE C 41 -45.11 2.63 13.88
N ASP C 42 -44.47 2.09 14.93
CA ASP C 42 -43.12 2.53 15.32
C ASP C 42 -42.06 2.47 14.26
N LYS C 43 -42.31 1.80 13.14
CA LYS C 43 -41.29 1.71 12.10
C LYS C 43 -41.68 2.55 10.90
N GLU C 44 -42.74 3.33 11.05
CA GLU C 44 -43.17 4.14 9.93
C GLU C 44 -42.24 5.33 9.69
N ILE C 45 -41.99 5.64 8.42
CA ILE C 45 -41.22 6.83 8.17
C ILE C 45 -42.06 7.99 7.66
N ALA C 46 -42.49 7.99 6.41
CA ALA C 46 -43.42 9.01 5.95
C ALA C 46 -44.71 8.32 5.55
N ARG C 47 -45.70 9.11 5.21
CA ARG C 47 -47.06 8.63 4.95
C ARG C 47 -47.81 9.68 4.17
N PHE C 48 -48.41 9.32 3.05
CA PHE C 48 -49.12 10.29 2.22
C PHE C 48 -50.58 9.94 2.29
N VAL C 49 -51.44 10.97 2.18
CA VAL C 49 -52.90 10.79 2.22
C VAL C 49 -53.51 11.47 1.00
N PRO C 50 -53.71 10.70 -0.09
CA PRO C 50 -53.95 11.36 -1.39
C PRO C 50 -55.11 12.34 -1.47
N ASN C 51 -56.21 12.06 -0.78
CA ASN C 51 -57.44 12.84 -1.02
C ASN C 51 -57.42 14.23 -0.38
N SER C 52 -56.46 14.45 0.51
CA SER C 52 -56.28 15.72 1.19
C SER C 52 -54.83 16.25 1.05
N ASN C 53 -54.17 15.82 -0.03
CA ASN C 53 -52.80 16.18 -0.38
C ASN C 53 -51.81 16.52 0.73
N MET C 54 -51.39 15.56 1.56
CA MET C 54 -50.50 15.87 2.67
C MET C 54 -49.61 14.66 3.04
N ASN C 55 -48.31 14.90 3.27
CA ASN C 55 -47.40 13.98 3.96
C ASN C 55 -47.72 13.90 5.40
N PHE C 56 -47.07 12.93 6.05
CA PHE C 56 -46.98 12.87 7.51
C PHE C 56 -45.83 11.95 7.86
N THR C 57 -45.11 12.21 8.95
CA THR C 57 -43.93 11.41 9.27
C THR C 57 -44.07 10.55 10.53
N GLY C 58 -43.28 9.47 10.58
CA GLY C 58 -43.33 8.48 11.65
C GLY C 58 -42.05 8.37 12.45
N GLN C 59 -42.01 7.42 13.36
CA GLN C 59 -40.86 7.16 14.23
C GLN C 59 -39.55 6.94 13.46
N ALA C 60 -39.65 6.35 12.27
CA ALA C 60 -38.46 6.04 11.53
C ALA C 60 -38.00 7.15 10.59
N TYR C 61 -38.71 8.27 10.56
CA TYR C 61 -38.28 9.38 9.77
C TYR C 61 -36.90 9.84 10.22
N SER C 62 -35.97 9.96 9.27
CA SER C 62 -34.60 10.35 9.56
C SER C 62 -34.31 11.83 9.45
N GLY C 63 -35.02 12.51 8.55
CA GLY C 63 -34.73 13.92 8.23
C GLY C 63 -34.35 14.00 6.76
N ARG C 64 -34.31 12.86 6.11
CA ARG C 64 -33.77 12.80 4.77
C ARG C 64 -34.53 11.85 3.84
N GLU C 65 -35.74 11.45 4.22
CA GLU C 65 -36.60 10.74 3.28
C GLU C 65 -37.66 11.67 2.72
N ILE C 66 -37.99 11.44 1.46
CA ILE C 66 -39.11 12.11 0.82
C ILE C 66 -40.07 11.09 0.20
N ILE C 67 -41.33 11.11 0.63
CA ILE C 67 -42.40 10.31 0.03
C ILE C 67 -43.04 11.18 -1.04
N TYR C 68 -43.16 10.68 -2.26
CA TYR C 68 -43.89 11.38 -3.28
C TYR C 68 -45.32 10.86 -3.35
N SER C 69 -46.19 11.63 -4.01
CA SER C 69 -47.57 11.25 -4.19
C SER C 69 -47.69 10.16 -5.23
N ASN C 70 -46.65 10.00 -6.08
CA ASN C 70 -46.62 8.88 -7.03
C ASN C 70 -46.19 7.56 -6.38
N GLY C 71 -46.02 7.62 -5.05
CA GLY C 71 -45.77 6.45 -4.20
C GLY C 71 -44.31 6.17 -3.86
N SER C 72 -43.41 6.73 -4.66
CA SER C 72 -41.98 6.43 -4.60
C SER C 72 -41.38 7.11 -3.40
N LEU C 73 -40.36 6.53 -2.79
CA LEU C 73 -39.69 7.17 -1.65
C LEU C 73 -38.18 7.46 -1.89
N LEU C 74 -37.80 8.72 -1.78
CA LEU C 74 -36.40 9.11 -1.93
C LEU C 74 -35.66 9.06 -0.60
N PHE C 75 -34.53 8.38 -0.62
CA PHE C 75 -33.63 8.31 0.52
C PHE C 75 -32.40 9.13 0.23
N GLN C 76 -32.11 10.11 1.06
CA GLN C 76 -30.94 10.95 0.87
C GLN C 76 -29.81 10.68 1.87
N MET C 77 -28.56 10.72 1.40
CA MET C 77 -27.37 10.47 2.25
C MET C 77 -27.43 9.22 3.13
N ILE C 78 -27.24 8.07 2.47
CA ILE C 78 -27.50 6.78 3.05
C ILE C 78 -26.34 6.21 3.87
N THR C 79 -26.67 5.50 4.94
CA THR C 79 -25.65 4.89 5.78
C THR C 79 -25.85 3.40 5.95
N MET C 80 -24.81 2.73 6.45
CA MET C 80 -24.80 1.29 6.67
C MET C 80 -26.04 0.79 7.43
N LYS C 81 -26.71 1.65 8.18
CA LYS C 81 -27.89 1.25 8.98
C LYS C 81 -29.24 1.46 8.26
N ASP C 82 -29.20 2.18 7.15
CA ASP C 82 -30.37 2.37 6.30
C ASP C 82 -30.55 1.25 5.29
N MET C 83 -29.45 0.59 4.93
CA MET C 83 -29.54 -0.57 4.06
C MET C 83 -30.54 -1.52 4.66
N GLY C 84 -31.15 -2.31 3.80
CA GLY C 84 -32.00 -3.37 4.27
C GLY C 84 -33.29 -3.32 3.49
N VAL C 85 -34.34 -3.78 4.16
CA VAL C 85 -35.67 -3.89 3.57
C VAL C 85 -36.62 -2.74 3.97
N TYR C 86 -37.39 -2.27 3.00
CA TYR C 86 -38.48 -1.32 3.25
C TYR C 86 -39.79 -1.87 2.72
N THR C 87 -40.85 -1.61 3.47
CA THR C 87 -42.18 -2.04 3.12
C THR C 87 -43.06 -0.84 2.75
N LEU C 88 -43.68 -0.95 1.58
CA LEU C 88 -44.72 -0.03 1.18
C LEU C 88 -46.01 -0.65 1.67
N ASP C 89 -46.91 0.19 2.17
CA ASP C 89 -48.23 -0.27 2.65
C ASP C 89 -49.31 0.61 2.02
N MET C 90 -50.44 0.02 1.69
CA MET C 90 -51.44 0.70 0.89
C MET C 90 -52.86 0.41 1.36
N THR C 91 -53.51 1.44 1.89
CA THR C 91 -54.88 1.36 2.40
C THR C 91 -55.84 1.87 1.34
N ASP C 92 -56.92 1.14 1.12
CA ASP C 92 -58.11 1.66 0.46
C ASP C 92 -59.17 1.93 1.56
N GLU C 93 -60.39 1.43 1.40
CA GLU C 93 -61.41 1.66 2.42
C GLU C 93 -62.11 0.41 2.98
N ASN C 94 -61.63 -0.06 4.13
CA ASN C 94 -60.41 0.46 4.76
C ASN C 94 -59.28 -0.64 4.75
N TYR C 95 -59.22 -1.51 3.72
CA TYR C 95 -58.23 -2.61 3.76
C TYR C 95 -56.87 -2.43 3.06
N ARG C 96 -55.89 -3.24 3.47
CA ARG C 96 -54.50 -2.99 3.15
C ARG C 96 -53.78 -4.05 2.32
N ARG C 97 -53.20 -3.61 1.20
CA ARG C 97 -52.20 -4.36 0.43
C ARG C 97 -50.88 -3.99 1.12
N THR C 98 -50.30 -4.94 1.83
CA THR C 98 -49.03 -4.71 2.49
C THR C 98 -47.91 -4.81 1.47
N GLN C 99 -48.15 -5.36 0.29
CA GLN C 99 -47.07 -5.77 -0.64
C GLN C 99 -46.65 -4.73 -1.72
N ALA C 100 -45.46 -4.12 -1.65
CA ALA C 100 -44.66 -3.90 -0.45
C ALA C 100 -43.20 -3.78 -0.74
N THR C 101 -42.52 -4.84 -0.33
CA THR C 101 -41.16 -4.80 0.10
C THR C 101 -40.18 -4.56 -1.02
N VAL C 102 -39.10 -3.85 -0.69
CA VAL C 102 -37.92 -3.78 -1.54
C VAL C 102 -36.68 -3.94 -0.70
N ARG C 103 -35.60 -4.33 -1.37
CA ARG C 103 -34.28 -4.55 -0.78
C ARG C 103 -33.25 -3.57 -1.35
N PHE C 104 -32.45 -2.92 -0.51
CA PHE C 104 -31.24 -2.35 -1.08
C PHE C 104 -29.99 -2.61 -0.23
N HIS C 105 -28.81 -2.27 -0.75
CA HIS C 105 -27.56 -2.55 -0.08
C HIS C 105 -26.62 -1.38 -0.14
N VAL C 106 -25.87 -1.19 0.94
CA VAL C 106 -24.95 -0.07 1.06
C VAL C 106 -23.58 -0.59 1.48
N HIS C 107 -22.55 -0.18 0.74
CA HIS C 107 -21.20 -0.56 1.08
C HIS C 107 -20.34 0.69 1.08
N GLN C 108 -19.30 0.70 1.93
CA GLN C 108 -18.33 1.79 1.97
C GLN C 108 -17.35 1.48 0.84
N PRO C 109 -17.06 2.46 -0.02
CA PRO C 109 -16.01 2.38 -1.02
C PRO C 109 -14.73 1.69 -0.51
N VAL C 110 -14.12 0.86 -1.34
CA VAL C 110 -12.89 0.21 -0.94
C VAL C 110 -11.77 1.25 -0.93
N THR C 111 -10.85 1.12 0.02
CA THR C 111 -9.60 1.88 0.01
C THR C 111 -8.57 1.12 -0.82
N GLN C 112 -7.43 1.75 -1.06
CA GLN C 112 -6.35 1.22 -1.88
C GLN C 112 -5.65 0.06 -1.18
N PRO C 113 -5.43 -1.05 -1.92
CA PRO C 113 -4.75 -2.20 -1.35
C PRO C 113 -3.26 -2.13 -1.65
N PHE C 114 -2.47 -2.93 -0.91
CA PHE C 114 -1.00 -2.94 -0.98
C PHE C 114 -0.44 -4.27 -1.40
N LEU C 115 0.36 -4.28 -2.47
CA LEU C 115 0.96 -5.51 -2.94
C LEU C 115 2.31 -5.72 -2.27
N GLN C 116 2.45 -6.86 -1.59
CA GLN C 116 3.68 -7.21 -0.88
C GLN C 116 4.49 -8.33 -1.56
N VAL C 117 5.73 -8.00 -1.91
CA VAL C 117 6.63 -8.88 -2.65
C VAL C 117 8.03 -8.79 -2.03
N THR C 118 8.69 -9.93 -1.85
CA THR C 118 10.14 -9.92 -1.55
C THR C 118 10.93 -10.05 -2.88
N ASN C 119 11.75 -9.03 -3.19
CA ASN C 119 12.54 -8.97 -4.44
C ASN C 119 11.74 -8.64 -5.72
N THR C 120 12.09 -7.53 -6.37
CA THR C 120 11.62 -7.24 -7.73
C THR C 120 12.69 -7.75 -8.72
N THR C 121 13.70 -8.46 -8.21
CA THR C 121 14.79 -8.97 -9.02
C THR C 121 15.09 -10.40 -8.54
N VAL C 122 14.78 -11.40 -9.37
CA VAL C 122 14.84 -12.82 -8.96
C VAL C 122 15.23 -13.81 -10.06
N LYS C 123 15.82 -13.32 -11.15
CA LYS C 123 16.37 -14.20 -12.21
C LYS C 123 15.27 -15.09 -12.82
N GLU C 124 15.64 -16.30 -13.23
CA GLU C 124 14.75 -17.25 -13.91
C GLU C 124 14.76 -18.65 -13.29
N LEU C 125 13.56 -19.24 -13.21
CA LEU C 125 13.29 -20.54 -12.59
C LEU C 125 13.21 -20.46 -11.07
N ASP C 126 13.14 -19.23 -10.57
CA ASP C 126 12.85 -19.00 -9.16
C ASP C 126 11.36 -18.86 -8.95
N SER C 127 10.96 -18.46 -7.74
CA SER C 127 9.56 -18.29 -7.45
C SER C 127 9.36 -17.16 -6.46
N VAL C 128 8.24 -16.46 -6.59
CA VAL C 128 7.95 -15.33 -5.73
C VAL C 128 6.50 -15.33 -5.29
N THR C 129 6.27 -14.86 -4.07
CA THR C 129 4.93 -14.74 -3.51
C THR C 129 4.52 -13.25 -3.45
N LEU C 130 3.56 -12.87 -4.30
CA LEU C 130 2.93 -11.56 -4.21
C LEU C 130 1.72 -11.65 -3.28
N THR C 131 1.76 -10.93 -2.18
CA THR C 131 0.65 -10.94 -1.23
C THR C 131 -0.17 -9.66 -1.36
N CYS C 132 -1.49 -9.79 -1.34
CA CYS C 132 -2.35 -8.60 -1.31
C CYS C 132 -2.91 -8.27 0.06
N LEU C 133 -2.37 -7.23 0.69
CA LEU C 133 -2.94 -6.76 1.94
C LEU C 133 -3.92 -5.59 1.70
N SER C 134 -4.82 -5.35 2.66
CA SER C 134 -5.91 -4.39 2.48
C SER C 134 -6.63 -3.87 3.75
N ASN C 135 -6.98 -2.58 3.77
CA ASN C 135 -7.86 -2.06 4.81
C ASN C 135 -9.37 -2.34 4.55
N ASP C 136 -9.69 -3.39 3.77
CA ASP C 136 -11.09 -3.69 3.40
C ASP C 136 -11.52 -5.13 3.70
N ILE C 137 -12.35 -5.29 4.73
CA ILE C 137 -12.93 -6.60 5.01
C ILE C 137 -14.10 -6.91 4.05
N GLY C 138 -13.94 -7.97 3.27
CA GLY C 138 -15.03 -8.48 2.42
C GLY C 138 -15.10 -8.02 0.96
N ALA C 139 -13.95 -7.70 0.37
CA ALA C 139 -13.90 -7.28 -1.02
C ALA C 139 -13.55 -8.53 -1.80
N ASN C 140 -13.39 -8.37 -3.13
CA ASN C 140 -12.93 -9.39 -4.04
C ASN C 140 -11.59 -8.94 -4.60
N ILE C 141 -10.63 -9.87 -4.67
CA ILE C 141 -9.30 -9.52 -5.09
C ILE C 141 -9.06 -10.09 -6.47
N GLN C 142 -9.08 -9.24 -7.48
CA GLN C 142 -8.76 -9.66 -8.83
C GLN C 142 -7.30 -9.29 -9.04
N TRP C 143 -6.59 -10.07 -9.87
CA TRP C 143 -5.19 -9.80 -10.20
C TRP C 143 -5.01 -9.27 -11.58
N LEU C 144 -3.93 -8.50 -11.77
CA LEU C 144 -3.59 -7.86 -13.04
C LEU C 144 -2.11 -8.03 -13.41
N PHE C 145 -1.87 -8.27 -14.69
CA PHE C 145 -0.54 -8.27 -15.27
C PHE C 145 -0.52 -7.41 -16.54
N ASN C 146 0.24 -6.30 -16.47
CA ASN C 146 0.29 -5.24 -17.50
C ASN C 146 -1.06 -4.57 -17.76
N SER C 147 -1.83 -4.34 -16.68
CA SER C 147 -3.28 -4.14 -16.77
C SER C 147 -3.91 -5.29 -17.57
N GLN C 148 -5.24 -5.31 -17.65
CA GLN C 148 -5.97 -6.53 -18.04
C GLN C 148 -5.64 -7.57 -16.99
N SER C 149 -6.65 -8.31 -16.56
CA SER C 149 -6.44 -9.20 -15.43
C SER C 149 -5.60 -10.34 -15.96
N LEU C 150 -4.60 -10.78 -15.19
CA LEU C 150 -3.72 -11.88 -15.68
C LEU C 150 -4.48 -13.15 -15.89
N GLN C 151 -4.11 -13.83 -16.96
CA GLN C 151 -4.54 -15.19 -17.15
C GLN C 151 -3.52 -16.06 -16.43
N LEU C 152 -4.03 -16.95 -15.60
CA LEU C 152 -3.23 -17.59 -14.56
C LEU C 152 -2.29 -18.78 -15.01
N THR C 153 -2.75 -19.67 -15.86
CA THR C 153 -1.89 -20.84 -16.27
C THR C 153 -1.47 -21.81 -15.13
N GLU C 154 -0.50 -22.65 -15.42
CA GLU C 154 -0.14 -23.77 -14.54
C GLU C 154 1.07 -23.51 -13.63
N ARG C 155 1.70 -22.35 -13.76
CA ARG C 155 2.92 -22.10 -12.99
C ARG C 155 2.59 -21.21 -11.77
N MET C 156 1.31 -20.99 -11.53
CA MET C 156 1.03 -20.16 -10.39
C MET C 156 -0.20 -20.55 -9.63
N THR C 157 -0.03 -20.72 -8.32
CA THR C 157 -1.15 -20.93 -7.40
C THR C 157 -1.51 -19.70 -6.58
N LEU C 158 -2.77 -19.28 -6.68
CA LEU C 158 -3.30 -18.28 -5.75
C LEU C 158 -3.97 -18.91 -4.53
N SER C 159 -3.76 -18.34 -3.35
CA SER C 159 -4.31 -18.88 -2.11
C SER C 159 -5.00 -17.83 -1.23
N GLN C 160 -5.55 -18.32 -0.12
CA GLN C 160 -6.05 -17.44 0.97
C GLN C 160 -6.97 -16.43 0.34
N ASN C 161 -8.17 -16.89 -0.01
CA ASN C 161 -9.17 -16.06 -0.68
C ASN C 161 -8.56 -15.17 -1.80
N ASN C 162 -7.53 -15.70 -2.45
CA ASN C 162 -6.90 -15.10 -3.62
C ASN C 162 -6.29 -13.77 -3.25
N SER C 163 -5.65 -13.72 -2.09
CA SER C 163 -4.79 -12.60 -1.73
C SER C 163 -3.30 -12.91 -2.01
N ILE C 164 -2.97 -14.18 -2.19
CA ILE C 164 -1.59 -14.55 -2.36
C ILE C 164 -1.40 -15.19 -3.73
N LEU C 165 -0.65 -14.50 -4.60
CA LEU C 165 -0.23 -15.07 -5.87
C LEU C 165 1.20 -15.56 -5.72
N ARG C 166 1.39 -16.86 -5.89
CA ARG C 166 2.70 -17.44 -5.88
C ARG C 166 2.93 -17.90 -7.30
N ILE C 167 3.84 -17.20 -8.01
CA ILE C 167 4.31 -17.65 -9.33
C ILE C 167 5.57 -18.51 -9.19
N ASP C 168 5.49 -19.72 -9.74
CA ASP C 168 6.56 -20.67 -9.71
C ASP C 168 6.45 -21.69 -10.87
N PRO C 169 7.45 -21.70 -11.77
CA PRO C 169 8.61 -20.82 -11.66
C PRO C 169 8.51 -19.61 -12.59
N ILE C 170 9.01 -18.45 -12.11
CA ILE C 170 9.15 -17.25 -12.91
C ILE C 170 9.94 -17.57 -14.19
N LYS C 171 9.37 -17.20 -15.33
CA LYS C 171 10.10 -17.31 -16.58
C LYS C 171 9.83 -16.15 -17.52
N ARG C 172 10.86 -15.82 -18.32
CA ARG C 172 10.99 -14.57 -19.09
C ARG C 172 9.70 -13.91 -19.61
N GLU C 173 8.78 -14.72 -20.16
CA GLU C 173 7.50 -14.21 -20.68
C GLU C 173 6.68 -13.41 -19.68
N ASP C 174 6.71 -13.80 -18.40
CA ASP C 174 5.94 -13.03 -17.41
C ASP C 174 6.71 -11.89 -16.69
N ALA C 175 7.52 -11.18 -17.47
CA ALA C 175 8.14 -9.94 -17.02
C ALA C 175 7.20 -8.78 -17.31
N GLY C 176 6.96 -7.95 -16.29
CA GLY C 176 6.10 -6.77 -16.42
C GLY C 176 5.34 -6.43 -15.14
N GLU C 177 4.39 -5.50 -15.24
CA GLU C 177 3.68 -4.94 -14.08
C GLU C 177 2.63 -5.87 -13.45
N TYR C 178 2.82 -6.20 -12.17
CA TYR C 178 1.79 -6.88 -11.40
C TYR C 178 1.10 -5.87 -10.52
N GLN C 179 -0.22 -6.03 -10.40
CA GLN C 179 -1.05 -5.22 -9.51
C GLN C 179 -2.08 -6.13 -8.87
N CYS C 180 -2.53 -5.69 -7.70
CA CYS C 180 -3.64 -6.28 -6.97
C CYS C 180 -4.84 -5.33 -7.14
N GLU C 181 -6.05 -5.88 -7.29
CA GLU C 181 -7.27 -5.05 -7.41
C GLU C 181 -8.47 -5.50 -6.53
N ILE C 182 -8.89 -4.68 -5.56
CA ILE C 182 -10.13 -4.98 -4.79
C ILE C 182 -11.34 -4.21 -5.29
N SER C 183 -12.50 -4.85 -5.13
CA SER C 183 -13.77 -4.30 -5.57
C SER C 183 -14.92 -4.61 -4.60
N ASN C 184 -15.99 -3.84 -4.77
CA ASN C 184 -17.26 -3.93 -4.07
C ASN C 184 -18.29 -3.89 -5.15
N PRO C 185 -19.57 -4.08 -4.80
CA PRO C 185 -20.63 -3.83 -5.77
C PRO C 185 -20.70 -2.40 -6.27
N VAL C 186 -19.96 -1.49 -5.65
CA VAL C 186 -20.07 -0.07 -6.00
C VAL C 186 -18.73 0.66 -6.13
N SER C 187 -17.63 0.03 -5.74
CA SER C 187 -16.32 0.69 -5.85
C SER C 187 -15.26 -0.27 -6.33
N VAL C 188 -14.12 0.26 -6.79
CA VAL C 188 -12.97 -0.56 -7.24
C VAL C 188 -11.62 0.17 -7.10
N ARG C 189 -10.57 -0.57 -6.70
CA ARG C 189 -9.26 0.05 -6.41
C ARG C 189 -7.99 -0.83 -6.66
N ARG C 190 -7.01 -0.26 -7.36
CA ARG C 190 -5.79 -0.98 -7.75
C ARG C 190 -4.63 -0.68 -6.81
N SER C 191 -3.67 -1.60 -6.75
CA SER C 191 -2.54 -1.46 -5.85
C SER C 191 -1.38 -0.72 -6.48
N ASN C 192 -0.35 -0.51 -5.69
CA ASN C 192 0.96 -0.17 -6.20
C ASN C 192 1.40 -1.21 -7.23
N SER C 193 2.00 -0.75 -8.33
CA SER C 193 2.50 -1.68 -9.35
C SER C 193 3.80 -2.32 -8.88
N ILE C 194 4.10 -3.50 -9.42
CA ILE C 194 5.35 -4.19 -9.15
C ILE C 194 5.95 -4.67 -10.45
N LYS C 195 7.21 -4.29 -10.67
CA LYS C 195 7.94 -4.63 -11.88
C LYS C 195 8.95 -5.72 -11.58
N LEU C 196 8.55 -6.95 -11.88
CA LEU C 196 9.40 -8.12 -11.80
C LEU C 196 10.47 -8.09 -12.90
N ASP C 197 11.73 -8.27 -12.52
CA ASP C 197 12.89 -8.19 -13.41
C ASP C 197 13.52 -9.55 -13.58
N ILE C 198 13.99 -9.87 -14.79
CA ILE C 198 14.40 -11.24 -15.12
C ILE C 198 15.81 -11.37 -15.71
N ILE C 199 16.74 -11.85 -14.88
CA ILE C 199 18.17 -11.84 -15.25
C ILE C 199 18.65 -13.14 -15.91
N TYR D 1 -51.41 1.20 23.14
CA TYR D 1 -52.23 2.11 22.32
C TYR D 1 -53.62 1.95 22.82
N ILE D 2 -54.48 2.90 22.48
CA ILE D 2 -55.85 2.86 22.96
C ILE D 2 -56.67 2.36 21.80
N GLY D 3 -57.19 1.15 21.89
CA GLY D 3 -58.00 0.68 20.77
C GLY D 3 -57.14 0.31 19.60
N ASP D 4 -57.74 -0.34 18.62
CA ASP D 4 -56.99 -1.19 17.72
C ASP D 4 -57.20 -0.95 16.23
N PHE D 5 -57.98 0.07 15.88
CA PHE D 5 -58.16 0.46 14.48
C PHE D 5 -57.04 1.40 14.01
N ARG D 6 -56.47 1.05 12.86
CA ARG D 6 -55.50 1.82 12.13
C ARG D 6 -56.20 2.96 11.40
N CYS D 7 -56.30 4.13 12.04
CA CYS D 7 -57.05 5.24 11.45
C CYS D 7 -56.21 5.91 10.39
N ILE D 8 -56.85 6.72 9.55
CA ILE D 8 -56.10 7.59 8.64
C ILE D 8 -56.18 8.94 9.30
N GLN D 9 -55.04 9.51 9.65
CA GLN D 9 -55.03 10.75 10.43
C GLN D 9 -54.07 11.79 9.89
N LEU D 10 -54.45 13.03 10.08
CA LEU D 10 -53.64 14.12 9.63
C LEU D 10 -52.77 14.56 10.76
N VAL D 11 -51.90 13.70 11.26
CA VAL D 11 -50.95 14.08 12.30
C VAL D 11 -49.70 13.20 12.22
N ASN D 12 -48.53 13.80 12.42
CA ASN D 12 -47.26 13.11 12.42
C ASN D 12 -47.08 12.31 13.71
N SER D 13 -46.23 11.27 13.68
CA SER D 13 -45.93 10.46 14.85
C SER D 13 -44.43 10.43 15.09
N ASN D 14 -44.04 10.25 16.35
CA ASN D 14 -42.62 10.05 16.72
C ASN D 14 -42.48 9.22 17.96
N GLY D 15 -41.25 8.92 18.35
CA GLY D 15 -41.03 7.97 19.42
C GLY D 15 -40.29 8.58 20.57
N ALA D 16 -40.64 9.81 20.90
CA ALA D 16 -39.99 10.56 21.95
C ALA D 16 -40.54 10.14 23.29
N ASN D 17 -39.72 10.19 24.33
CA ASN D 17 -40.20 9.96 25.69
C ASN D 17 -41.19 11.04 26.11
N VAL D 18 -42.20 10.71 26.91
CA VAL D 18 -43.09 11.71 27.53
C VAL D 18 -42.72 11.81 28.98
N SER D 19 -42.66 13.02 29.52
CA SER D 19 -42.53 13.15 30.97
C SER D 19 -43.66 12.40 31.64
N ALA D 20 -43.46 11.99 32.90
CA ALA D 20 -44.55 11.41 33.69
C ALA D 20 -45.53 12.54 33.97
N PRO D 21 -46.84 12.22 34.01
CA PRO D 21 -47.86 13.25 34.23
C PRO D 21 -47.58 14.03 35.52
N SER D 22 -47.64 15.36 35.42
CA SER D 22 -47.21 16.23 36.50
C SER D 22 -48.22 16.34 37.63
N ILE D 23 -47.72 16.26 38.86
CA ILE D 23 -48.52 16.26 40.08
C ILE D 23 -48.84 17.69 40.53
N SER D 24 -50.06 17.92 40.97
CA SER D 24 -50.52 19.24 41.42
C SER D 24 -49.94 19.64 42.75
N THR D 25 -50.33 20.83 43.20
CA THR D 25 -50.12 21.28 44.59
C THR D 25 -51.41 21.93 45.11
N LEU D 51 -76.42 4.96 52.80
CA LEU D 51 -76.03 5.20 51.42
C LEU D 51 -74.51 5.04 51.20
N THR D 52 -74.18 4.69 49.96
CA THR D 52 -72.84 4.73 49.43
C THR D 52 -72.47 6.19 49.02
N GLY D 53 -71.18 6.45 48.77
CA GLY D 53 -70.69 7.80 48.48
C GLY D 53 -69.30 7.84 47.86
N TYR D 54 -69.11 8.78 46.95
CA TYR D 54 -67.95 8.78 46.07
C TYR D 54 -67.13 10.04 46.18
N TYR D 55 -66.15 10.04 47.08
CA TYR D 55 -65.27 11.18 47.21
C TYR D 55 -63.79 10.88 46.88
N PRO D 56 -63.02 11.93 46.51
CA PRO D 56 -61.55 11.80 46.42
C PRO D 56 -60.98 11.77 47.84
N VAL D 57 -59.67 11.59 48.01
CA VAL D 57 -59.10 11.33 49.34
C VAL D 57 -58.22 12.49 49.85
N ASP D 58 -58.41 12.88 51.10
CA ASP D 58 -57.69 14.01 51.73
C ASP D 58 -56.16 13.88 51.65
N GLY D 59 -55.52 14.78 50.90
CA GLY D 59 -54.06 14.76 50.73
C GLY D 59 -53.58 13.89 49.57
N SER D 60 -54.55 13.40 48.79
CA SER D 60 -54.26 12.81 47.49
C SER D 60 -54.02 13.97 46.53
N LYS D 61 -53.41 13.67 45.38
CA LYS D 61 -53.03 14.72 44.44
C LYS D 61 -53.72 14.55 43.10
N PHE D 62 -53.74 15.63 42.31
CA PHE D 62 -54.18 15.57 40.91
C PHE D 62 -52.98 15.39 40.01
N ARG D 63 -53.17 14.79 38.85
CA ARG D 63 -52.12 14.73 37.84
C ARG D 63 -52.65 15.34 36.59
N ASN D 64 -51.89 16.24 35.96
CA ASN D 64 -52.36 16.75 34.70
C ASN D 64 -52.21 15.71 33.60
N LEU D 65 -53.34 15.25 33.10
CA LEU D 65 -53.33 14.27 32.04
C LEU D 65 -53.43 14.89 30.64
N ALA D 66 -53.60 16.20 30.54
CA ALA D 66 -53.63 16.87 29.25
C ALA D 66 -52.31 16.74 28.48
N LEU D 67 -52.40 16.39 27.19
CA LEU D 67 -51.24 16.36 26.30
C LEU D 67 -51.54 17.17 25.08
N THR D 68 -50.55 17.91 24.58
CA THR D 68 -50.84 18.78 23.45
C THR D 68 -49.71 18.85 22.46
N GLY D 69 -50.06 18.91 21.18
CA GLY D 69 -49.12 19.25 20.13
C GLY D 69 -49.74 20.12 19.07
N THR D 70 -48.91 20.50 18.11
CA THR D 70 -49.38 21.38 17.03
C THR D 70 -49.72 20.54 15.81
N ASN D 71 -48.88 19.56 15.50
CA ASN D 71 -49.10 18.70 14.36
C ASN D 71 -48.65 17.24 14.57
N SER D 72 -48.44 16.79 15.81
CA SER D 72 -47.73 15.56 16.05
C SER D 72 -48.02 14.96 17.39
N VAL D 73 -48.03 13.65 17.42
CA VAL D 73 -48.31 12.89 18.62
C VAL D 73 -47.13 12.00 18.83
N SER D 74 -46.78 11.78 20.09
CA SER D 74 -45.72 10.85 20.41
C SER D 74 -46.35 9.51 20.73
N LEU D 75 -45.83 8.45 20.13
CA LEU D 75 -46.40 7.13 20.33
C LEU D 75 -46.56 6.78 21.82
N SER D 76 -45.61 7.21 22.64
CA SER D 76 -45.61 6.97 24.09
C SER D 76 -46.66 7.74 24.83
N TRP D 77 -47.37 8.63 24.16
CA TRP D 77 -48.55 9.29 24.77
C TRP D 77 -49.68 8.24 25.05
N PHE D 78 -49.72 7.17 24.27
CA PHE D 78 -50.93 6.38 24.21
C PHE D 78 -50.78 5.13 25.05
N GLN D 79 -50.24 5.31 26.25
CA GLN D 79 -49.94 4.19 27.14
C GLN D 79 -49.77 4.62 28.60
N PRO D 80 -49.63 3.66 29.52
CA PRO D 80 -49.46 4.14 30.89
C PRO D 80 -48.21 5.05 31.05
N PRO D 81 -48.23 6.03 31.99
CA PRO D 81 -49.29 6.28 32.97
C PRO D 81 -50.45 7.07 32.41
N TYR D 82 -50.47 7.36 31.11
CA TYR D 82 -51.51 8.23 30.59
C TYR D 82 -52.81 7.48 30.45
N LEU D 83 -52.83 6.41 29.66
CA LEU D 83 -53.96 5.47 29.71
C LEU D 83 -54.07 4.91 31.12
N SER D 84 -55.09 5.33 31.84
CA SER D 84 -55.14 5.07 33.28
C SER D 84 -56.19 4.02 33.67
N GLN D 85 -56.08 3.48 34.89
CA GLN D 85 -57.08 2.53 35.41
C GLN D 85 -58.32 3.24 35.96
N PHE D 86 -59.52 2.81 35.58
CA PHE D 86 -60.68 3.60 35.94
C PHE D 86 -60.98 3.45 37.42
N ASN D 87 -61.17 2.20 37.86
CA ASN D 87 -61.54 1.87 39.24
C ASN D 87 -62.89 2.48 39.64
N ASP D 88 -63.00 2.95 40.88
CA ASP D 88 -64.28 3.36 41.43
C ASP D 88 -64.83 4.53 40.69
N GLY D 89 -63.96 5.48 40.32
CA GLY D 89 -64.29 6.56 39.37
C GLY D 89 -63.23 7.63 39.35
N ILE D 90 -63.53 8.80 38.76
CA ILE D 90 -62.58 9.92 38.78
C ILE D 90 -63.27 11.26 39.04
N PHE D 91 -62.49 12.22 39.54
CA PHE D 91 -62.87 13.60 39.74
C PHE D 91 -61.91 14.39 38.89
N ALA D 92 -62.46 15.18 37.97
CA ALA D 92 -61.64 15.87 36.97
C ALA D 92 -61.87 17.35 37.09
N LYS D 93 -60.78 18.11 37.06
CA LYS D 93 -60.84 19.58 36.99
C LYS D 93 -60.13 19.99 35.72
N VAL D 94 -60.85 20.66 34.84
CA VAL D 94 -60.48 20.78 33.44
C VAL D 94 -60.54 22.24 33.01
N GLN D 95 -59.39 22.78 32.56
CA GLN D 95 -59.27 24.25 32.24
C GLN D 95 -60.11 24.64 31.03
N ASN D 96 -60.55 25.88 30.98
CA ASN D 96 -61.22 26.28 29.77
C ASN D 96 -60.27 27.03 28.82
N LEU D 97 -59.83 26.36 27.78
CA LEU D 97 -58.88 26.94 26.84
C LEU D 97 -59.46 27.95 25.80
N LYS D 98 -60.78 28.15 25.84
CA LYS D 98 -61.45 29.04 24.89
C LYS D 98 -60.74 30.37 24.57
N THR D 99 -60.36 31.14 25.59
CA THR D 99 -59.75 32.46 25.33
C THR D 99 -58.38 32.37 24.65
N SER D 100 -57.67 31.26 24.86
CA SER D 100 -56.34 31.08 24.27
C SER D 100 -56.25 30.15 23.04
N THR D 101 -57.38 29.60 22.59
CA THR D 101 -57.45 28.78 21.36
C THR D 101 -57.59 29.67 20.15
N PRO D 102 -57.12 29.21 18.98
CA PRO D 102 -57.08 30.05 17.79
C PRO D 102 -58.47 30.45 17.35
N SER D 103 -58.55 31.42 16.46
CA SER D 103 -59.85 31.85 15.97
C SER D 103 -60.44 30.76 15.08
N GLY D 104 -61.74 30.53 15.28
CA GLY D 104 -62.45 29.50 14.57
C GLY D 104 -62.52 28.18 15.31
N ALA D 105 -61.66 28.06 16.33
CA ALA D 105 -61.62 26.86 17.14
C ALA D 105 -63.01 26.47 17.53
N THR D 106 -63.31 25.18 17.56
CA THR D 106 -64.62 24.73 18.04
C THR D 106 -64.52 23.85 19.30
N ALA D 107 -63.33 23.39 19.64
CA ALA D 107 -63.23 22.62 20.86
C ALA D 107 -62.40 23.38 21.86
N TYR D 108 -62.93 23.52 23.05
CA TYR D 108 -62.31 24.34 24.08
C TYR D 108 -61.50 23.59 25.14
N PHE D 109 -61.60 22.28 25.19
CA PHE D 109 -60.80 21.55 26.16
C PHE D 109 -60.68 20.11 25.71
N PRO D 110 -59.84 19.29 26.37
CA PRO D 110 -59.67 18.00 25.74
C PRO D 110 -60.85 17.04 25.94
N THR D 111 -60.87 15.96 25.18
CA THR D 111 -61.92 14.95 25.28
C THR D 111 -61.43 13.79 26.15
N ILE D 112 -62.27 13.24 27.00
CA ILE D 112 -61.90 12.00 27.70
C ILE D 112 -62.58 10.77 27.05
N VAL D 113 -61.97 9.61 27.16
CA VAL D 113 -62.70 8.38 26.79
C VAL D 113 -62.67 7.44 27.99
N ILE D 114 -63.82 6.89 28.35
CA ILE D 114 -63.83 5.86 29.39
C ILE D 114 -64.31 4.53 28.80
N GLY D 115 -63.69 3.44 29.23
CA GLY D 115 -63.95 2.14 28.65
C GLY D 115 -63.12 1.00 29.20
N SER D 116 -62.80 0.06 28.33
CA SER D 116 -62.05 -1.11 28.72
C SER D 116 -61.16 -1.55 27.58
N LEU D 117 -61.73 -2.16 26.54
CA LEU D 117 -60.90 -2.61 25.42
C LEU D 117 -60.81 -1.61 24.29
N PHE D 118 -61.76 -0.66 24.24
CA PHE D 118 -61.80 0.38 23.22
C PHE D 118 -61.88 -0.21 21.83
N GLY D 119 -62.08 -1.52 21.82
CA GLY D 119 -62.26 -2.32 20.61
C GLY D 119 -63.71 -2.16 20.33
N TYR D 120 -64.31 -2.97 19.48
CA TYR D 120 -65.74 -2.76 19.22
C TYR D 120 -66.48 -4.03 19.62
N THR D 121 -67.76 -3.84 19.98
CA THR D 121 -68.55 -4.78 20.77
C THR D 121 -68.37 -4.44 22.26
N SER D 122 -67.43 -3.53 22.53
CA SER D 122 -67.20 -3.05 23.88
C SER D 122 -67.56 -1.57 23.99
N TYR D 123 -68.35 -1.17 25.01
CA TYR D 123 -68.82 0.26 25.11
C TYR D 123 -67.76 1.23 25.58
N THR D 124 -67.71 2.38 24.93
CA THR D 124 -66.80 3.44 25.28
C THR D 124 -67.66 4.64 25.57
N VAL D 125 -67.35 5.34 26.66
CA VAL D 125 -67.97 6.64 26.95
C VAL D 125 -67.07 7.76 26.38
N VAL D 126 -67.64 8.66 25.59
CA VAL D 126 -66.91 9.82 25.07
C VAL D 126 -67.51 11.16 25.56
N ILE D 127 -66.68 12.03 26.15
CA ILE D 127 -67.15 13.36 26.48
C ILE D 127 -66.36 14.38 25.68
N GLU D 128 -66.98 14.89 24.62
CA GLU D 128 -66.28 15.75 23.66
C GLU D 128 -66.94 17.11 23.58
N PRO D 129 -66.22 18.20 23.91
CA PRO D 129 -66.90 19.46 23.75
C PRO D 129 -66.88 19.87 22.29
N TYR D 130 -67.95 20.51 21.83
CA TYR D 130 -68.01 21.22 20.58
C TYR D 130 -68.76 22.53 20.82
N ASN D 131 -68.16 23.68 20.48
CA ASN D 131 -68.81 24.98 20.68
C ASN D 131 -69.48 25.11 22.04
N GLY D 132 -70.78 25.40 22.07
CA GLY D 132 -71.49 25.58 23.31
C GLY D 132 -71.73 24.32 24.15
N VAL D 133 -71.52 23.15 23.55
CA VAL D 133 -72.07 21.94 24.16
C VAL D 133 -71.02 20.93 24.52
N ILE D 134 -71.34 20.10 25.51
CA ILE D 134 -70.60 18.88 25.79
C ILE D 134 -71.31 17.79 25.01
N MET D 135 -70.65 17.17 24.05
CA MET D 135 -71.28 16.05 23.38
C MET D 135 -70.95 14.81 24.20
N ALA D 136 -71.96 14.13 24.76
CA ALA D 136 -71.70 12.92 25.58
C ALA D 136 -72.29 11.72 24.89
N SER D 137 -71.54 10.62 24.82
CA SER D 137 -72.08 9.39 24.25
C SER D 137 -71.52 8.12 24.85
N VAL D 138 -72.20 7.02 24.59
CA VAL D 138 -71.75 5.73 25.08
C VAL D 138 -72.07 4.71 24.01
N CYS D 139 -71.08 4.34 23.21
CA CYS D 139 -71.30 3.29 22.20
C CYS D 139 -70.17 2.29 22.03
N GLN D 140 -70.46 1.29 21.20
CA GLN D 140 -69.48 0.31 20.81
C GLN D 140 -68.64 0.97 19.75
N TYR D 141 -67.58 1.65 20.17
CA TYR D 141 -66.86 2.48 19.26
C TYR D 141 -65.63 1.72 18.80
N THR D 142 -65.28 1.94 17.54
CA THR D 142 -64.04 1.49 16.93
C THR D 142 -62.95 2.56 17.12
N ILE D 143 -62.41 2.66 18.33
CA ILE D 143 -61.40 3.67 18.66
C ILE D 143 -60.11 3.48 17.87
N CYS D 144 -59.59 4.58 17.35
CA CYS D 144 -58.30 4.66 16.65
C CYS D 144 -57.20 4.10 17.53
N GLN D 145 -56.02 3.83 16.98
CA GLN D 145 -54.90 3.41 17.85
C GLN D 145 -54.32 4.62 18.54
N LEU D 146 -54.22 5.72 17.80
CA LEU D 146 -53.66 6.97 18.34
C LEU D 146 -54.73 8.07 18.35
N PRO D 147 -55.75 7.90 19.20
CA PRO D 147 -56.91 8.76 19.12
C PRO D 147 -56.63 10.16 19.63
N TYR D 148 -57.08 11.19 18.92
CA TYR D 148 -56.89 12.54 19.40
C TYR D 148 -58.06 13.39 18.92
N THR D 149 -58.18 14.60 19.48
CA THR D 149 -59.00 15.65 18.87
C THR D 149 -58.19 16.91 18.65
N ASP D 150 -58.66 17.79 17.77
CA ASP D 150 -57.99 19.08 17.73
C ASP D 150 -58.92 20.31 17.81
N CYS D 151 -58.36 21.48 18.11
CA CYS D 151 -59.22 22.61 18.52
C CYS D 151 -60.08 23.07 17.36
N LYS D 152 -59.51 22.98 16.15
CA LYS D 152 -60.18 23.48 14.96
C LYS D 152 -60.04 22.44 13.86
N PRO D 153 -60.71 21.29 13.99
CA PRO D 153 -60.57 20.22 13.00
C PRO D 153 -60.96 20.65 11.58
N ASN D 154 -60.04 20.55 10.63
CA ASN D 154 -60.53 20.57 9.24
C ASN D 154 -59.93 19.47 8.43
N THR D 155 -60.88 18.80 7.77
CA THR D 155 -60.72 17.51 7.10
C THR D 155 -60.58 17.71 5.60
N ASN D 156 -61.12 18.85 5.17
CA ASN D 156 -61.00 19.37 3.81
C ASN D 156 -61.81 18.59 2.80
N GLY D 157 -62.88 17.96 3.26
CA GLY D 157 -63.69 17.14 2.37
C GLY D 157 -63.08 15.76 2.11
N ASN D 158 -62.18 15.34 2.99
CA ASN D 158 -61.72 13.96 3.02
C ASN D 158 -62.47 13.24 4.12
N LYS D 159 -63.56 12.58 3.73
CA LYS D 159 -64.46 11.85 4.62
C LYS D 159 -63.84 10.60 5.29
N LEU D 160 -62.73 10.14 4.69
CA LEU D 160 -61.95 9.01 5.21
C LEU D 160 -61.17 9.32 6.50
N ILE D 161 -60.89 10.58 6.76
CA ILE D 161 -60.10 10.97 7.91
C ILE D 161 -60.85 10.58 9.17
N GLY D 162 -60.16 10.49 10.30
CA GLY D 162 -60.76 10.03 11.53
C GLY D 162 -59.82 10.34 12.67
N PHE D 163 -60.33 10.98 13.72
CA PHE D 163 -59.45 11.58 14.74
C PHE D 163 -59.29 10.57 15.87
N TRP D 164 -60.41 10.13 16.44
CA TRP D 164 -60.36 9.12 17.49
C TRP D 164 -61.13 7.83 17.18
N HIS D 165 -61.89 7.79 16.08
CA HIS D 165 -62.57 6.55 15.71
C HIS D 165 -62.94 6.50 14.23
N THR D 166 -63.03 5.28 13.70
CA THR D 166 -63.57 5.09 12.37
C THR D 166 -64.69 4.06 12.43
N ASP D 167 -65.91 4.53 12.21
CA ASP D 167 -67.10 3.69 12.16
C ASP D 167 -67.93 3.84 10.85
N VAL D 168 -67.49 3.17 9.80
CA VAL D 168 -68.18 3.21 8.49
C VAL D 168 -69.64 2.71 8.55
N LYS D 169 -69.96 1.81 9.50
CA LYS D 169 -71.36 1.46 9.84
C LYS D 169 -71.68 2.02 11.22
N PRO D 170 -72.83 2.73 11.37
CA PRO D 170 -73.20 3.39 12.64
C PRO D 170 -73.25 2.38 13.79
N PRO D 171 -72.69 2.76 14.97
CA PRO D 171 -72.55 1.85 16.11
C PRO D 171 -73.84 1.54 16.85
N ILE D 172 -73.80 0.53 17.70
CA ILE D 172 -74.81 0.34 18.74
C ILE D 172 -74.54 1.36 19.88
N CYS D 173 -75.33 2.41 19.97
CA CYS D 173 -75.22 3.31 21.12
C CYS D 173 -76.22 3.01 22.23
N VAL D 174 -75.88 3.41 23.44
CA VAL D 174 -76.76 3.26 24.56
C VAL D 174 -77.07 4.65 25.17
N LEU D 175 -76.33 5.68 24.73
CA LEU D 175 -76.61 7.10 25.03
C LEU D 175 -75.93 8.04 24.02
N LYS D 176 -76.59 9.18 23.79
CA LYS D 176 -76.18 10.16 22.82
C LYS D 176 -76.97 11.42 23.25
N ARG D 177 -76.30 12.36 23.92
CA ARG D 177 -76.94 13.60 24.32
C ARG D 177 -75.91 14.69 24.51
N ASN D 178 -76.32 15.90 24.11
CA ASN D 178 -75.51 17.08 24.18
C ASN D 178 -75.97 17.83 25.44
N PHE D 179 -75.09 18.60 26.07
CA PHE D 179 -75.44 19.36 27.25
C PHE D 179 -74.72 20.71 27.16
N THR D 180 -75.42 21.77 27.56
CA THR D 180 -74.88 23.12 27.50
C THR D 180 -73.74 23.38 28.47
N LEU D 181 -72.67 24.03 27.99
CA LEU D 181 -71.58 24.53 28.82
C LEU D 181 -71.73 26.01 29.01
N ASN D 182 -71.22 26.56 30.11
CA ASN D 182 -70.97 28.00 30.22
C ASN D 182 -69.60 28.29 29.62
N VAL D 183 -69.59 28.65 28.34
CA VAL D 183 -68.33 28.85 27.63
C VAL D 183 -67.40 29.84 28.27
N ASN D 184 -67.99 30.68 29.11
CA ASN D 184 -67.31 31.77 29.80
C ASN D 184 -66.77 31.38 31.17
N ALA D 185 -67.00 30.14 31.61
CA ALA D 185 -66.56 29.68 32.92
C ALA D 185 -65.11 29.52 32.74
N ASP D 186 -64.31 29.64 33.77
CA ASP D 186 -62.91 29.47 33.46
C ASP D 186 -62.33 28.10 33.81
N ALA D 187 -63.17 27.23 34.38
CA ALA D 187 -62.83 25.78 34.51
C ALA D 187 -64.09 24.89 34.54
N PHE D 188 -63.95 23.62 34.23
CA PHE D 188 -65.09 22.70 34.34
C PHE D 188 -64.72 21.53 35.21
N TYR D 189 -65.66 21.06 36.02
CA TYR D 189 -65.35 20.00 36.95
C TYR D 189 -66.29 18.87 36.72
N PHE D 190 -65.73 17.66 36.59
CA PHE D 190 -66.50 16.46 36.26
C PHE D 190 -66.36 15.36 37.32
N HIS D 191 -67.39 14.55 37.42
CA HIS D 191 -67.32 13.35 38.23
C HIS D 191 -67.75 12.21 37.33
N PHE D 192 -66.90 11.22 37.13
CA PHE D 192 -67.34 10.02 36.48
C PHE D 192 -67.09 8.85 37.42
N TYR D 193 -68.17 8.12 37.73
CA TYR D 193 -68.05 6.83 38.41
C TYR D 193 -69.06 5.80 37.92
N GLN D 194 -69.06 4.66 38.59
CA GLN D 194 -69.67 3.47 38.07
C GLN D 194 -70.19 2.63 39.21
N HIS D 195 -71.34 2.03 39.00
CA HIS D 195 -71.92 1.20 39.99
C HIS D 195 -73.08 0.40 39.41
N GLY D 196 -73.00 -0.93 39.57
CA GLY D 196 -73.97 -1.88 39.05
C GLY D 196 -74.24 -1.85 37.56
N GLY D 197 -73.20 -1.67 36.73
CA GLY D 197 -73.37 -1.61 35.28
C GLY D 197 -74.04 -0.32 34.80
N THR D 198 -74.12 0.68 35.69
CA THR D 198 -74.58 2.02 35.33
C THR D 198 -73.43 2.99 35.52
N PHE D 199 -73.21 3.85 34.52
CA PHE D 199 -72.25 4.93 34.58
C PHE D 199 -72.89 6.22 35.09
N TYR D 200 -72.16 7.00 35.88
CA TYR D 200 -72.65 8.29 36.42
C TYR D 200 -71.73 9.43 35.98
N ALA D 201 -72.33 10.58 35.69
CA ALA D 201 -71.61 11.71 35.17
C ALA D 201 -72.16 12.95 35.84
N TYR D 202 -71.27 13.80 36.35
CA TYR D 202 -71.69 15.07 36.92
C TYR D 202 -70.92 16.14 36.23
N TYR D 203 -71.51 17.31 36.10
CA TYR D 203 -70.80 18.43 35.54
C TYR D 203 -71.08 19.66 36.37
N ALA D 204 -70.17 20.62 36.27
CA ALA D 204 -70.30 21.88 36.94
C ALA D 204 -69.18 22.76 36.41
N ASP D 205 -69.44 24.05 36.36
CA ASP D 205 -68.43 25.03 36.03
C ASP D 205 -68.05 25.87 37.27
N LYS D 206 -68.02 25.24 38.44
CA LYS D 206 -67.49 25.85 39.67
C LYS D 206 -67.31 24.76 40.74
N PRO D 207 -66.66 25.08 41.87
CA PRO D 207 -66.89 24.13 42.99
C PRO D 207 -67.70 24.78 44.20
N SER D 208 -68.24 23.97 45.11
CA SER D 208 -68.22 22.50 45.02
C SER D 208 -69.53 21.97 44.47
N ALA D 209 -70.55 22.84 44.46
CA ALA D 209 -71.80 22.58 43.74
C ALA D 209 -71.57 21.84 42.39
N THR D 210 -71.74 20.51 42.40
CA THR D 210 -71.84 19.72 41.16
C THR D 210 -73.30 19.31 40.88
N THR D 211 -73.65 19.01 39.64
CA THR D 211 -75.01 18.57 39.35
C THR D 211 -75.02 17.32 38.47
N PHE D 212 -76.04 16.50 38.67
CA PHE D 212 -76.14 15.19 38.07
C PHE D 212 -76.42 15.38 36.59
N LEU D 213 -75.52 14.90 35.71
CA LEU D 213 -75.62 15.26 34.30
C LEU D 213 -76.38 14.25 33.45
N PHE D 214 -76.07 12.97 33.65
CA PHE D 214 -76.71 11.86 32.95
C PHE D 214 -76.27 10.52 33.55
N SER D 215 -77.15 9.54 33.49
CA SER D 215 -76.73 8.18 33.78
C SER D 215 -77.32 7.23 32.75
N VAL D 216 -76.55 6.22 32.37
CA VAL D 216 -77.04 5.20 31.48
C VAL D 216 -76.56 3.85 31.97
N TYR D 217 -77.41 2.84 31.79
CA TYR D 217 -77.07 1.48 32.13
C TYR D 217 -76.38 0.80 30.94
N ILE D 218 -75.08 0.57 31.10
CA ILE D 218 -74.32 -0.21 30.16
C ILE D 218 -74.37 -1.62 30.71
N GLY D 219 -74.35 -2.63 29.86
CA GLY D 219 -74.18 -3.94 30.42
C GLY D 219 -72.86 -4.09 31.18
N ASP D 220 -71.72 -3.96 30.46
CA ASP D 220 -70.36 -4.17 30.95
C ASP D 220 -69.90 -3.23 32.06
N ILE D 221 -68.59 -3.23 32.29
CA ILE D 221 -67.99 -2.55 33.42
C ILE D 221 -66.66 -1.93 32.96
N LEU D 222 -66.55 -0.62 33.12
CA LEU D 222 -65.46 0.17 32.55
C LEU D 222 -64.20 0.09 33.41
N THR D 223 -63.06 -0.18 32.77
CA THR D 223 -61.82 -0.44 33.50
C THR D 223 -60.68 0.56 33.28
N GLN D 224 -60.71 1.27 32.15
CA GLN D 224 -59.67 2.26 31.82
C GLN D 224 -60.24 3.60 31.34
N TYR D 225 -59.45 4.68 31.45
CA TYR D 225 -59.77 5.91 30.75
C TYR D 225 -58.54 6.46 30.08
N TYR D 226 -58.74 7.49 29.25
CA TYR D 226 -57.67 8.19 28.55
C TYR D 226 -58.20 9.55 28.17
N VAL D 227 -57.56 10.61 28.65
CA VAL D 227 -57.82 11.96 28.13
C VAL D 227 -57.05 12.03 26.83
N LEU D 228 -57.73 12.28 25.72
CA LEU D 228 -57.06 12.33 24.39
C LEU D 228 -56.10 13.53 24.17
N PRO D 229 -54.98 13.29 23.46
CA PRO D 229 -54.10 14.42 23.18
C PRO D 229 -54.83 15.45 22.33
N PHE D 230 -54.57 16.73 22.59
CA PHE D 230 -55.34 17.86 22.06
C PHE D 230 -54.44 18.60 21.07
N ILE D 231 -54.81 18.57 19.79
CA ILE D 231 -53.96 19.17 18.79
C ILE D 231 -54.43 20.59 18.42
N CYS D 232 -53.53 21.55 18.40
CA CYS D 232 -53.98 22.92 18.29
C CYS D 232 -52.82 23.83 17.92
N ASN D 233 -53.00 24.72 16.93
CA ASN D 233 -51.96 25.76 16.74
C ASN D 233 -52.33 27.13 17.29
N PRO D 234 -52.12 27.28 18.61
CA PRO D 234 -52.44 28.44 19.39
C PRO D 234 -51.83 29.65 18.75
N THR D 235 -52.68 30.59 18.41
CA THR D 235 -52.23 31.64 17.55
C THR D 235 -51.58 32.63 18.46
N ALA D 236 -51.38 32.24 19.71
CA ALA D 236 -51.17 33.22 20.73
C ALA D 236 -50.97 32.65 22.11
N GLY D 237 -49.71 32.66 22.50
CA GLY D 237 -49.32 32.40 23.85
C GLY D 237 -48.51 31.15 24.05
N SER D 238 -47.63 31.23 25.05
CA SER D 238 -47.38 30.14 25.99
C SER D 238 -48.46 30.18 27.06
N THR D 239 -49.31 31.21 27.02
CA THR D 239 -50.52 31.26 27.81
C THR D 239 -51.50 30.16 27.42
N PHE D 240 -51.25 29.43 26.33
CA PHE D 240 -52.17 28.34 26.00
C PHE D 240 -51.70 27.10 26.70
N ALA D 241 -52.34 26.78 27.81
CA ALA D 241 -51.86 25.66 28.65
C ALA D 241 -52.96 24.63 28.92
N PRO D 242 -53.03 23.58 28.11
CA PRO D 242 -54.07 22.60 28.42
C PRO D 242 -53.82 21.91 29.76
N ARG D 243 -54.88 21.78 30.54
CA ARG D 243 -54.85 21.14 31.84
C ARG D 243 -56.09 20.29 32.00
N TYR D 244 -55.88 19.02 32.29
CA TYR D 244 -56.95 18.10 32.65
C TYR D 244 -56.50 17.33 33.92
N TRP D 245 -56.64 17.98 35.07
CA TRP D 245 -56.25 17.41 36.33
C TRP D 245 -57.24 16.33 36.79
N VAL D 246 -56.76 15.09 36.98
CA VAL D 246 -57.65 14.06 37.55
C VAL D 246 -57.08 13.43 38.82
N THR D 247 -57.98 13.04 39.72
CA THR D 247 -57.65 12.29 40.92
C THR D 247 -58.66 11.16 41.07
N PRO D 248 -58.21 9.99 41.56
CA PRO D 248 -59.16 8.89 41.69
C PRO D 248 -60.23 9.17 42.76
N LEU D 249 -61.29 8.38 42.77
CA LEU D 249 -62.23 8.54 43.85
C LEU D 249 -62.80 7.21 44.38
N VAL D 250 -62.28 6.83 45.56
CA VAL D 250 -62.76 5.70 46.35
C VAL D 250 -64.23 5.87 46.72
N LYS D 251 -64.96 4.76 46.78
CA LYS D 251 -66.32 4.74 47.32
C LYS D 251 -66.29 4.25 48.78
N ARG D 252 -67.38 4.47 49.50
CA ARG D 252 -67.46 4.14 50.92
C ARG D 252 -68.92 3.93 51.30
N GLN D 253 -69.20 2.86 52.03
CA GLN D 253 -70.58 2.55 52.42
C GLN D 253 -70.83 2.89 53.88
N TYR D 254 -72.11 3.13 54.19
CA TYR D 254 -72.57 3.25 55.58
C TYR D 254 -73.94 2.57 55.71
C1 NAG E . 39.33 16.98 -10.39
C2 NAG E . 38.69 18.22 -9.74
C3 NAG E . 37.34 17.78 -9.19
C4 NAG E . 36.51 17.48 -10.43
C5 NAG E . 37.17 16.36 -11.25
C6 NAG E . 36.46 16.15 -12.58
C7 NAG E . 40.17 18.61 -7.71
C8 NAG E . 40.43 17.16 -7.41
N2 NAG E . 39.42 19.00 -8.74
O3 NAG E . 36.72 18.75 -8.36
O4 NAG E . 35.21 17.10 -10.03
O5 NAG E . 38.52 16.68 -11.51
O6 NAG E . 36.58 17.31 -13.36
O7 NAG E . 40.68 19.46 -7.00
C1 NAG E . 34.20 18.50 -10.46
C2 NAG E . 32.77 18.09 -10.64
C3 NAG E . 32.00 19.22 -11.29
C4 NAG E . 32.41 20.58 -10.74
C5 NAG E . 33.90 20.66 -10.44
C6 NAG E . 34.36 21.98 -9.82
C7 NAG E . 31.89 16.02 -11.73
C8 NAG E . 30.46 16.52 -11.83
N2 NAG E . 32.85 16.85 -11.35
O3 NAG E . 30.62 19.07 -11.07
O4 NAG E . 32.07 21.54 -11.71
O5 NAG E . 34.26 19.60 -9.61
O6 NAG E . 35.78 22.05 -9.94
O7 NAG E . 32.17 14.84 -12.06
C1 NAG F . -42.14 9.38 -9.24
C2 NAG F . -41.77 8.98 -10.66
C3 NAG F . -40.26 9.07 -10.95
C4 NAG F . -39.60 10.30 -10.28
C5 NAG F . -40.09 10.42 -8.82
C6 NAG F . -39.48 11.61 -8.05
C7 NAG F . -42.89 7.35 -12.11
C8 NAG F . -43.45 5.97 -12.23
N2 NAG F . -42.33 7.67 -10.95
O3 NAG F . -40.24 9.16 -12.34
O4 NAG F . -38.16 10.34 -10.36
O5 NAG F . -41.49 10.57 -8.85
O6 NAG F . -40.34 12.71 -8.19
O7 NAG F . -42.95 8.13 -13.06
C1 NAG F . -37.41 11.25 -11.39
C2 NAG F . -36.05 11.34 -10.70
C3 NAG F . -35.13 12.22 -11.53
C4 NAG F . -35.03 11.69 -12.96
C5 NAG F . -36.42 11.47 -13.56
C6 NAG F . -36.32 10.76 -14.90
C7 NAG F . -35.51 11.33 -8.32
C8 NAG F . -35.76 11.97 -6.99
N2 NAG F . -36.19 11.85 -9.35
O3 NAG F . -33.85 12.24 -10.95
O4 NAG F . -34.30 12.61 -13.76
O5 NAG F . -37.22 10.69 -12.69
O6 NAG F . -37.58 10.24 -15.25
O7 NAG F . -34.70 10.42 -8.43
C1 NAG G . 42.39 -1.81 4.32
C2 NAG G . 41.64 -0.76 5.14
C3 NAG G . 42.65 -0.02 6.03
C4 NAG G . 43.37 -1.00 6.95
C5 NAG G . 43.90 -2.26 6.20
C6 NAG G . 44.19 -3.45 7.12
C7 NAG G . 39.66 0.61 4.61
C8 NAG G . 38.99 0.14 5.88
N2 NAG G . 40.89 0.18 4.29
O3 NAG G . 42.00 0.97 6.81
O4 NAG G . 44.42 -0.31 7.60
O5 NAG G . 42.95 -2.73 5.25
O6 NAG G . 44.96 -3.11 8.25
O7 NAG G . 39.05 1.40 3.89
C1 NAG H . 40.76 8.21 -21.26
C2 NAG H . 39.27 8.00 -20.89
C3 NAG H . 38.32 8.37 -22.05
C4 NAG H . 38.66 9.73 -22.67
C5 NAG H . 40.16 9.76 -23.03
C6 NAG H . 40.61 11.09 -23.67
C7 NAG H . 39.01 6.16 -19.24
C8 NAG H . 38.75 4.70 -19.06
N2 NAG H . 39.03 6.62 -20.50
O3 NAG H . 36.98 8.32 -21.60
O4 NAG H . 37.85 9.98 -23.82
O5 NAG H . 40.97 9.47 -21.89
O6 NAG H . 40.37 12.20 -22.80
O7 NAG H . 39.19 6.88 -18.26
C1 NAG I . 72.95 -3.66 -30.40
C2 NAG I . 74.15 -2.87 -29.86
C3 NAG I . 73.74 -1.52 -29.29
C4 NAG I . 72.92 -0.69 -30.29
C5 NAG I . 71.77 -1.54 -30.90
C6 NAG I . 71.20 -0.87 -32.15
C7 NAG I . 76.18 -3.90 -28.98
C8 NAG I . 76.81 -4.74 -27.91
N2 NAG I . 74.88 -3.67 -28.88
O3 NAG I . 74.92 -0.82 -29.00
O4 NAG I . 72.45 0.52 -29.72
O5 NAG I . 72.12 -2.87 -31.27
O6 NAG I . 70.90 0.48 -31.82
O7 NAG I . 76.88 -3.45 -29.89
C1 NAG J . -38.14 -9.41 9.03
C2 NAG J . -37.28 -10.59 8.58
C3 NAG J . -36.94 -11.40 9.85
C4 NAG J . -36.23 -10.47 10.85
C5 NAG J . -37.06 -9.20 11.12
C6 NAG J . -36.41 -8.24 12.14
C7 NAG J . -38.71 -12.32 7.34
C8 NAG J . -39.15 -13.06 8.56
N2 NAG J . -37.89 -11.26 7.42
O3 NAG J . -36.17 -12.55 9.56
O4 NAG J . -35.96 -11.20 12.04
O5 NAG J . -37.39 -8.56 9.88
O6 NAG J . -36.05 -6.99 11.56
O7 NAG J . -39.10 -12.69 6.23
C1 NAG K . -43.82 17.09 2.56
C2 NAG K . -42.37 16.68 2.34
C3 NAG K . -41.59 17.98 2.23
C4 NAG K . -42.14 18.81 1.06
C5 NAG K . -43.65 19.12 1.32
C6 NAG K . -44.39 19.97 0.27
C7 NAG K . -41.84 14.50 3.38
C8 NAG K . -41.28 13.77 4.56
N2 NAG K . -41.85 15.85 3.42
O3 NAG K . -40.19 17.71 2.13
O4 NAG K . -41.34 19.97 0.88
O5 NAG K . -44.37 17.92 1.56
O6 NAG K . -44.39 19.41 -1.03
O7 NAG K . -42.26 13.86 2.44
C1 NAG L . -74.79 17.65 19.15
C2 NAG L . -75.89 17.08 18.25
C3 NAG L . -75.47 16.93 16.80
C4 NAG L . -74.79 18.18 16.26
C5 NAG L . -73.68 18.60 17.23
C6 NAG L . -72.96 19.88 16.81
C7 NAG L . -77.46 15.51 19.34
C8 NAG L . -77.66 14.09 19.79
N2 NAG L . -76.29 15.78 18.74
O3 NAG L . -76.64 16.73 16.10
O4 NAG L . -74.33 17.96 14.93
O5 NAG L . -74.19 18.79 18.54
O6 NAG L . -73.76 21.00 17.06
O7 NAG L . -78.37 16.33 19.54
#